data_4R39
#
_entry.id   4R39
#
_cell.length_a   120.503
_cell.length_b   120.503
_cell.length_c   192.304
_cell.angle_alpha   90.000
_cell.angle_beta   90.000
_cell.angle_gamma   90.000
#
_symmetry.space_group_name_H-M   'P 41 21 2'
#
loop_
_entity.id
_entity.type
_entity.pdbx_description
1 polymer 'Blue-light-activated histidine kinase 2'
2 non-polymer 'MAGNESIUM ION'
3 non-polymer 'PHOSPHOAMINOPHOSPHONIC ACID-ADENYLATE ESTER'
4 water water
#
_entity_poly.entity_id   1
_entity_poly.type   'polypeptide(L)'
_entity_poly.pdbx_seq_one_letter_code
;GEFKGLMGQSESPDRATELDRQLAEVQHRVKNHLAMIVSMIRIQSSQAGGVGSQFDSLSRRVEALQLLYQEMDIAGAAKA
TDKIIPLGAYLGRIASAINHIDGRGAIKVNVQADTVDVPVETAGRIGLLVSEVLTNALQHAFSDRASGVVQLRSSVMSGE
QLRVTVEDDGRGIPEDCDWPNEGNLGSRIVRQLVQGLGAELNVTRGGTGTIVNIDIPLSQQKTLIADERTKD
;
_entity_poly.pdbx_strand_id   A,B,C,D
#
# COMPACT_ATOMS: atom_id res chain seq x y z
N PRO A 13 -3.57 38.12 9.39
CA PRO A 13 -3.68 39.57 9.61
C PRO A 13 -4.18 39.88 11.02
N ASP A 14 -4.97 38.95 11.56
CA ASP A 14 -5.38 39.01 12.97
C ASP A 14 -4.55 38.01 13.79
N ARG A 15 -3.80 37.16 13.10
CA ARG A 15 -2.96 36.15 13.74
C ARG A 15 -1.48 36.41 13.51
N ALA A 16 -1.15 37.58 12.99
CA ALA A 16 0.22 37.89 12.57
C ALA A 16 1.27 37.60 13.65
N THR A 17 1.06 38.16 14.85
CA THR A 17 2.03 37.96 15.93
C THR A 17 2.01 36.52 16.45
N GLU A 18 0.83 35.90 16.45
CA GLU A 18 0.72 34.52 16.88
C GLU A 18 1.42 33.60 15.88
N LEU A 19 1.21 33.85 14.59
CA LEU A 19 1.86 33.07 13.55
C LEU A 19 3.37 33.21 13.68
N ASP A 20 3.81 34.43 13.95
CA ASP A 20 5.24 34.71 14.07
C ASP A 20 5.81 34.01 15.29
N ARG A 21 5.04 33.96 16.36
CA ARG A 21 5.47 33.32 17.59
C ARG A 21 5.71 31.83 17.34
N GLN A 22 4.78 31.21 16.62
CA GLN A 22 4.91 29.81 16.24
C GLN A 22 6.14 29.56 15.36
N LEU A 23 6.35 30.40 14.36
CA LEU A 23 7.48 30.21 13.46
C LEU A 23 8.82 30.45 14.16
N ALA A 24 8.81 31.33 15.17
CA ALA A 24 10.01 31.58 15.94
C ALA A 24 10.33 30.39 16.85
N GLU A 25 9.30 29.84 17.50
CA GLU A 25 9.50 28.66 18.34
C GLU A 25 10.11 27.54 17.50
N VAL A 26 9.60 27.35 16.29
CA VAL A 26 10.19 26.39 15.37
C VAL A 26 11.64 26.77 15.08
N GLN A 27 11.85 28.04 14.72
CA GLN A 27 13.18 28.52 14.32
C GLN A 27 14.23 28.31 15.40
N HIS A 28 13.84 28.47 16.66
CA HIS A 28 14.78 28.36 17.77
C HIS A 28 15.02 26.92 18.20
N ARG A 29 14.35 25.96 17.57
CA ARG A 29 14.62 24.54 17.80
C ARG A 29 15.41 23.92 16.63
N VAL A 30 15.72 24.72 15.61
CA VAL A 30 16.42 24.20 14.42
C VAL A 30 17.65 25.06 14.06
N LYS A 31 18.40 24.64 13.04
CA LYS A 31 19.70 25.25 12.75
C LYS A 31 20.12 25.17 11.28
N ASN A 32 21.23 25.86 10.96
CA ASN A 32 21.80 25.86 9.62
C ASN A 32 20.80 26.37 8.56
N HIS A 33 20.87 25.82 7.35
CA HIS A 33 20.01 26.27 6.26
C HIS A 33 18.54 26.30 6.66
N LEU A 34 18.10 25.26 7.37
CA LEU A 34 16.71 25.15 7.78
C LEU A 34 16.29 26.36 8.63
N ALA A 35 17.09 26.70 9.63
CA ALA A 35 16.83 27.88 10.46
C ALA A 35 16.75 29.13 9.61
N MET A 36 17.70 29.29 8.68
CA MET A 36 17.69 30.42 7.76
C MET A 36 16.38 30.45 6.99
N ILE A 37 16.00 29.31 6.41
CA ILE A 37 14.76 29.20 5.63
C ILE A 37 13.58 29.70 6.46
N VAL A 38 13.47 29.25 7.70
CA VAL A 38 12.38 29.68 8.56
C VAL A 38 12.44 31.19 8.79
N SER A 39 13.65 31.72 8.92
CA SER A 39 13.84 33.14 9.14
C SER A 39 13.24 33.94 7.98
N MET A 40 13.54 33.50 6.76
CA MET A 40 13.04 34.17 5.56
C MET A 40 11.52 34.15 5.51
N ILE A 41 10.93 32.97 5.73
CA ILE A 41 9.49 32.79 5.74
C ILE A 41 8.81 33.74 6.72
N ARG A 42 9.43 33.91 7.89
CA ARG A 42 8.89 34.78 8.92
C ARG A 42 8.82 36.21 8.41
N ILE A 43 9.93 36.69 7.85
CA ILE A 43 10.00 38.03 7.31
C ILE A 43 8.98 38.23 6.19
N GLN A 44 8.96 37.33 5.22
CA GLN A 44 8.09 37.47 4.06
C GLN A 44 6.62 37.49 4.44
N SER A 45 6.25 36.71 5.46
CA SER A 45 4.88 36.71 5.99
C SER A 45 4.47 38.10 6.44
N SER A 46 5.31 38.71 7.25
CA SER A 46 5.02 40.03 7.82
C SER A 46 4.96 41.13 6.76
N GLN A 47 5.78 41.02 5.73
CA GLN A 47 5.82 42.03 4.69
C GLN A 47 4.49 42.13 3.94
N ALA A 48 4.01 40.99 3.44
CA ALA A 48 2.68 40.94 2.88
C ALA A 48 1.68 41.22 3.99
N GLY A 49 1.97 40.68 5.18
CA GLY A 49 1.12 40.83 6.33
C GLY A 49 -0.21 40.11 6.14
N GLY A 50 -0.31 39.33 5.07
CA GLY A 50 -1.53 38.64 4.72
C GLY A 50 -2.35 39.41 3.69
N VAL A 51 -2.88 38.77 2.66
CA VAL A 51 -2.69 37.36 2.33
C VAL A 51 -2.76 37.26 0.80
N GLY A 52 -1.71 37.70 0.11
CA GLY A 52 -0.48 38.19 0.74
C GLY A 52 0.54 37.07 0.78
N SER A 53 0.05 35.85 0.94
CA SER A 53 0.91 34.67 1.00
C SER A 53 0.42 33.56 0.06
N GLN A 54 -0.85 33.61 -0.30
CA GLN A 54 -1.46 32.56 -1.13
C GLN A 54 -1.12 32.60 -2.62
N PHE A 55 -0.70 33.74 -3.15
CA PHE A 55 -0.50 33.86 -4.60
C PHE A 55 0.73 33.10 -5.10
N ASP A 56 1.66 32.79 -4.19
CA ASP A 56 2.79 31.93 -4.53
C ASP A 56 2.95 30.84 -3.48
N SER A 57 4.12 30.23 -3.40
CA SER A 57 4.34 29.08 -2.53
C SER A 57 4.52 29.46 -1.06
N LEU A 58 4.50 30.76 -0.75
CA LEU A 58 4.73 31.20 0.64
C LEU A 58 3.74 30.56 1.61
N SER A 59 2.45 30.63 1.30
CA SER A 59 1.39 30.12 2.16
C SER A 59 1.62 28.66 2.47
N ARG A 60 2.11 27.96 1.45
CA ARG A 60 2.32 26.53 1.50
C ARG A 60 3.45 26.19 2.46
N ARG A 61 4.48 27.03 2.46
CA ARG A 61 5.67 26.79 3.26
C ARG A 61 5.39 27.18 4.71
N VAL A 62 4.59 28.23 4.89
CA VAL A 62 4.12 28.59 6.22
C VAL A 62 3.33 27.43 6.81
N GLU A 63 2.41 26.87 6.03
CA GLU A 63 1.57 25.78 6.52
C GLU A 63 2.40 24.56 6.94
N ALA A 64 3.45 24.24 6.19
CA ALA A 64 4.30 23.09 6.54
C ALA A 64 4.94 23.31 7.90
N LEU A 65 5.34 24.55 8.18
CA LEU A 65 6.00 24.88 9.43
C LEU A 65 5.02 24.97 10.60
N GLN A 66 3.79 25.40 10.32
CA GLN A 66 2.76 25.44 11.36
C GLN A 66 2.31 24.05 11.76
N LEU A 67 2.17 23.18 10.76
CA LEU A 67 1.81 21.80 11.04
C LEU A 67 2.90 21.15 11.87
N LEU A 68 4.14 21.52 11.61
CA LEU A 68 5.26 21.01 12.40
C LEU A 68 5.18 21.54 13.82
N TYR A 69 4.85 22.83 13.95
CA TYR A 69 4.72 23.43 15.27
C TYR A 69 3.67 22.71 16.08
N GLN A 70 2.57 22.35 15.43
CA GLN A 70 1.49 21.63 16.10
C GLN A 70 1.97 20.28 16.64
N GLU A 71 2.80 19.58 15.87
CA GLU A 71 3.35 18.30 16.31
C GLU A 71 4.30 18.48 17.49
N MET A 72 5.06 19.57 17.49
CA MET A 72 5.98 19.86 18.57
C MET A 72 5.22 20.16 19.86
N ASP A 73 4.15 20.93 19.71
CA ASP A 73 3.33 21.34 20.84
C ASP A 73 2.77 20.12 21.54
N ILE A 74 2.30 19.15 20.76
CA ILE A 74 1.73 17.92 21.27
C ILE A 74 2.79 17.03 21.92
N ALA A 75 4.01 17.10 21.41
CA ALA A 75 5.07 16.19 21.83
C ALA A 75 5.80 16.66 23.08
N GLY A 76 5.82 17.97 23.30
CA GLY A 76 6.53 18.53 24.44
C GLY A 76 8.01 18.71 24.13
N ALA A 77 8.77 19.13 25.14
CA ALA A 77 10.18 19.42 24.96
C ALA A 77 11.04 18.16 25.09
N ALA A 78 12.17 18.18 24.39
CA ALA A 78 13.11 17.06 24.41
C ALA A 78 14.38 17.49 23.71
N LYS A 79 15.46 16.72 23.92
CA LYS A 79 16.71 16.96 23.24
C LYS A 79 16.49 17.00 21.73
N ALA A 80 17.27 17.83 21.05
CA ALA A 80 17.16 18.00 19.61
C ALA A 80 17.29 16.67 18.84
N THR A 81 17.95 15.70 19.46
CA THR A 81 18.17 14.40 18.81
C THR A 81 17.06 13.39 19.10
N ASP A 82 16.16 13.73 20.01
CA ASP A 82 15.10 12.80 20.40
C ASP A 82 14.05 12.63 19.31
N LYS A 83 13.74 11.37 19.01
CA LYS A 83 12.70 11.05 18.03
C LYS A 83 11.34 11.26 18.67
N ILE A 84 10.68 12.36 18.31
CA ILE A 84 9.46 12.77 18.99
C ILE A 84 8.33 13.18 18.05
N ILE A 85 8.66 13.39 16.78
CA ILE A 85 7.68 13.81 15.78
C ILE A 85 7.18 12.63 14.96
N PRO A 86 5.86 12.38 14.95
CA PRO A 86 5.31 11.33 14.09
C PRO A 86 5.26 11.75 12.62
N LEU A 87 6.26 11.32 11.87
CA LEU A 87 6.45 11.78 10.50
C LEU A 87 5.25 11.48 9.60
N GLY A 88 4.73 10.26 9.69
CA GLY A 88 3.64 9.83 8.84
C GLY A 88 2.41 10.70 9.01
N ALA A 89 2.11 11.03 10.27
CA ALA A 89 0.96 11.90 10.57
C ALA A 89 1.19 13.27 9.94
N TYR A 90 2.38 13.79 10.15
CA TYR A 90 2.78 15.10 9.67
C TYR A 90 2.73 15.19 8.14
N LEU A 91 3.34 14.23 7.45
CA LEU A 91 3.33 14.24 5.98
C LEU A 91 1.91 14.08 5.43
N GLY A 92 1.08 13.31 6.11
CA GLY A 92 -0.30 13.12 5.71
C GLY A 92 -1.09 14.43 5.72
N ARG A 93 -0.79 15.29 6.68
CA ARG A 93 -1.50 16.56 6.80
C ARG A 93 -0.97 17.57 5.80
N ILE A 94 0.32 17.46 5.48
CA ILE A 94 0.91 18.31 4.44
C ILE A 94 0.26 17.96 3.12
N ALA A 95 0.22 16.66 2.82
CA ALA A 95 -0.34 16.18 1.56
C ALA A 95 -1.81 16.56 1.41
N SER A 96 -2.57 16.44 2.49
CA SER A 96 -4.00 16.71 2.45
C SER A 96 -4.26 18.17 2.13
N ALA A 97 -3.51 19.05 2.79
CA ALA A 97 -3.66 20.48 2.56
C ALA A 97 -3.38 20.79 1.10
N ILE A 98 -2.32 20.19 0.57
CA ILE A 98 -1.90 20.46 -0.80
C ILE A 98 -2.93 19.98 -1.82
N ASN A 99 -3.42 18.75 -1.69
CA ASN A 99 -4.44 18.27 -2.63
C ASN A 99 -5.73 19.08 -2.49
N HIS A 100 -6.05 19.48 -1.27
CA HIS A 100 -7.25 20.29 -1.05
C HIS A 100 -7.17 21.64 -1.74
N ILE A 101 -6.03 22.32 -1.61
CA ILE A 101 -5.84 23.64 -2.21
C ILE A 101 -5.46 23.55 -3.68
N ASP A 102 -4.43 22.79 -3.98
CA ASP A 102 -3.83 22.78 -5.31
C ASP A 102 -4.34 21.63 -6.18
N GLY A 103 -5.24 20.83 -5.65
CA GLY A 103 -5.79 19.71 -6.39
C GLY A 103 -6.78 20.16 -7.44
N ARG A 104 -7.39 19.19 -8.12
CA ARG A 104 -8.25 19.46 -9.26
C ARG A 104 -8.96 18.19 -9.64
N GLY A 105 -10.12 18.33 -10.27
CA GLY A 105 -10.89 17.19 -10.70
C GLY A 105 -10.05 16.28 -11.59
N ALA A 106 -10.28 14.98 -11.45
CA ALA A 106 -9.64 13.96 -12.28
C ALA A 106 -8.17 13.69 -11.93
N ILE A 107 -7.63 14.41 -10.95
CA ILE A 107 -6.29 14.12 -10.45
C ILE A 107 -6.35 13.37 -9.13
N LYS A 108 -5.92 12.11 -9.15
CA LYS A 108 -5.91 11.29 -7.94
C LYS A 108 -4.61 11.47 -7.18
N VAL A 109 -4.73 11.75 -5.88
CA VAL A 109 -3.56 11.79 -5.01
C VAL A 109 -3.62 10.69 -3.94
N ASN A 110 -2.80 9.66 -4.11
CA ASN A 110 -2.66 8.61 -3.11
C ASN A 110 -1.56 8.96 -2.10
N VAL A 111 -1.76 8.53 -0.86
CA VAL A 111 -0.81 8.82 0.22
C VAL A 111 -0.58 7.59 1.08
N GLN A 112 0.67 7.16 1.17
CA GLN A 112 1.05 6.00 1.97
C GLN A 112 2.26 6.32 2.84
N ALA A 113 2.01 6.74 4.08
CA ALA A 113 3.09 7.10 5.00
C ALA A 113 3.22 6.11 6.16
N ASP A 114 4.44 5.61 6.40
CA ASP A 114 4.69 4.69 7.50
C ASP A 114 4.69 5.43 8.81
N THR A 115 4.42 4.69 9.89
CA THR A 115 4.53 5.25 11.23
C THR A 115 5.99 5.22 11.66
N VAL A 116 6.56 6.39 11.89
CA VAL A 116 7.92 6.49 12.37
C VAL A 116 8.11 7.82 13.08
N ASP A 117 8.77 7.78 14.23
CA ASP A 117 9.10 8.99 14.98
C ASP A 117 10.50 9.47 14.62
N VAL A 118 10.61 10.76 14.37
CA VAL A 118 11.90 11.36 14.00
C VAL A 118 12.15 12.63 14.81
N PRO A 119 13.40 13.11 14.81
CA PRO A 119 13.69 14.38 15.49
C PRO A 119 13.02 15.56 14.79
N VAL A 120 12.88 16.68 15.48
CA VAL A 120 12.23 17.86 14.93
C VAL A 120 12.88 18.32 13.63
N GLU A 121 14.21 18.45 13.65
CA GLU A 121 14.94 18.92 12.49
C GLU A 121 14.73 18.02 11.29
N THR A 122 14.68 16.72 11.54
CA THR A 122 14.49 15.76 10.47
C THR A 122 13.12 15.93 9.84
N ALA A 123 12.11 16.11 10.68
CA ALA A 123 10.73 16.24 10.21
C ALA A 123 10.58 17.50 9.38
N GLY A 124 11.06 18.61 9.91
CA GLY A 124 10.98 19.89 9.21
C GLY A 124 11.61 19.84 7.84
N ARG A 125 12.78 19.22 7.74
CA ARG A 125 13.46 19.09 6.45
C ARG A 125 12.63 18.24 5.49
N ILE A 126 12.14 17.09 5.96
CA ILE A 126 11.38 16.19 5.11
C ILE A 126 10.03 16.80 4.73
N GLY A 127 9.37 17.42 5.70
CA GLY A 127 8.07 18.03 5.46
C GLY A 127 8.12 19.06 4.36
N LEU A 128 9.07 19.98 4.45
CA LEU A 128 9.25 21.00 3.43
C LEU A 128 9.62 20.36 2.09
N LEU A 129 10.45 19.32 2.14
CA LEU A 129 10.83 18.59 0.95
C LEU A 129 9.59 18.06 0.23
N VAL A 130 8.74 17.35 0.97
CA VAL A 130 7.54 16.76 0.42
C VAL A 130 6.61 17.85 -0.09
N SER A 131 6.60 18.98 0.59
CA SER A 131 5.75 20.09 0.16
C SER A 131 6.23 20.57 -1.21
N GLU A 132 7.53 20.76 -1.37
CA GLU A 132 8.11 21.23 -2.62
C GLU A 132 7.79 20.32 -3.80
N VAL A 133 8.08 19.03 -3.62
CA VAL A 133 7.98 18.09 -4.71
C VAL A 133 6.52 17.78 -5.05
N LEU A 134 5.68 17.67 -4.02
CA LEU A 134 4.30 17.31 -4.24
C LEU A 134 3.53 18.45 -4.88
N THR A 135 3.80 19.68 -4.43
CA THR A 135 3.16 20.85 -5.03
C THR A 135 3.54 20.90 -6.49
N ASN A 136 4.80 20.60 -6.76
CA ASN A 136 5.31 20.60 -8.13
C ASN A 136 4.50 19.66 -9.01
N ALA A 137 4.17 18.49 -8.46
CA ALA A 137 3.38 17.53 -9.21
C ALA A 137 2.04 18.14 -9.59
N LEU A 138 1.30 18.61 -8.60
CA LEU A 138 -0.05 19.14 -8.85
C LEU A 138 -0.05 20.43 -9.65
N GLN A 139 0.99 21.24 -9.51
CA GLN A 139 1.06 22.53 -10.20
C GLN A 139 1.49 22.38 -11.65
N HIS A 140 2.43 21.48 -11.90
CA HIS A 140 3.13 21.44 -13.18
C HIS A 140 2.86 20.20 -14.03
N ALA A 141 2.68 19.04 -13.38
CA ALA A 141 2.67 17.78 -14.11
C ALA A 141 1.45 17.60 -15.01
N PHE A 142 0.42 18.41 -14.81
CA PHE A 142 -0.85 18.18 -15.51
C PHE A 142 -1.40 19.43 -16.22
N SER A 143 -0.50 20.33 -16.63
CA SER A 143 -0.89 21.55 -17.35
C SER A 143 -1.81 21.26 -18.53
N ASP A 144 -1.39 20.32 -19.36
CA ASP A 144 -2.06 19.99 -20.60
C ASP A 144 -2.83 18.68 -20.50
N ARG A 145 -2.99 18.18 -19.28
CA ARG A 145 -3.62 16.89 -19.05
C ARG A 145 -5.02 17.04 -18.48
N ALA A 146 -5.91 16.13 -18.84
CA ALA A 146 -7.27 16.13 -18.33
C ALA A 146 -7.37 15.28 -17.06
N SER A 147 -6.51 14.28 -16.96
CA SER A 147 -6.48 13.40 -15.79
C SER A 147 -5.04 13.08 -15.41
N GLY A 148 -4.83 12.64 -14.17
CA GLY A 148 -3.51 12.29 -13.70
C GLY A 148 -3.53 11.56 -12.38
N VAL A 149 -2.36 11.08 -11.98
CA VAL A 149 -2.20 10.42 -10.69
C VAL A 149 -0.92 10.89 -10.03
N VAL A 150 -1.01 11.21 -8.74
CA VAL A 150 0.17 11.47 -7.94
C VAL A 150 0.17 10.47 -6.78
N GLN A 151 1.33 9.91 -6.50
CA GLN A 151 1.46 9.02 -5.36
C GLN A 151 2.60 9.48 -4.46
N LEU A 152 2.27 9.70 -3.19
CA LEU A 152 3.26 9.99 -2.17
C LEU A 152 3.45 8.74 -1.32
N ARG A 153 4.68 8.27 -1.20
CA ARG A 153 5.02 7.14 -0.33
C ARG A 153 6.12 7.54 0.62
N SER A 154 6.07 7.00 1.83
CA SER A 154 7.11 7.18 2.82
C SER A 154 7.29 5.84 3.51
N SER A 155 8.36 5.14 3.14
CA SER A 155 8.58 3.75 3.57
C SER A 155 9.86 3.59 4.37
N VAL A 156 9.76 2.99 5.54
CA VAL A 156 10.94 2.60 6.28
C VAL A 156 11.40 1.25 5.74
N MET A 157 12.68 1.19 5.39
CA MET A 157 13.28 -0.03 4.86
C MET A 157 14.28 -0.57 5.89
N SER A 158 15.25 -1.35 5.44
CA SER A 158 16.22 -1.93 6.37
C SER A 158 17.31 -0.91 6.71
N GLY A 159 17.88 -1.05 7.91
CA GLY A 159 18.94 -0.17 8.36
C GLY A 159 18.47 1.24 8.64
N GLU A 160 17.22 1.38 9.06
CA GLU A 160 16.61 2.68 9.34
C GLU A 160 16.62 3.63 8.13
N GLN A 161 16.77 3.10 6.93
CA GLN A 161 16.69 3.91 5.71
C GLN A 161 15.23 4.23 5.39
N LEU A 162 14.90 5.51 5.35
CA LEU A 162 13.58 5.96 4.96
C LEU A 162 13.60 6.38 3.50
N ARG A 163 12.66 5.87 2.71
CA ARG A 163 12.54 6.26 1.32
C ARG A 163 11.24 7.03 1.11
N VAL A 164 11.37 8.25 0.63
CA VAL A 164 10.22 9.09 0.30
C VAL A 164 10.14 9.24 -1.21
N THR A 165 8.99 8.90 -1.78
CA THR A 165 8.76 8.94 -3.21
C THR A 165 7.58 9.82 -3.57
N VAL A 166 7.72 10.59 -4.64
CA VAL A 166 6.60 11.29 -5.24
C VAL A 166 6.57 10.96 -6.73
N GLU A 167 5.44 10.42 -7.18
CA GLU A 167 5.31 9.83 -8.50
C GLU A 167 4.21 10.52 -9.32
N ASP A 168 4.50 10.91 -10.56
CA ASP A 168 3.49 11.40 -11.50
C ASP A 168 3.31 10.43 -12.65
N ASP A 169 2.16 10.52 -13.31
CA ASP A 169 2.00 9.91 -14.62
C ASP A 169 1.80 11.00 -15.68
N GLY A 170 2.13 12.23 -15.30
CA GLY A 170 1.84 13.38 -16.13
C GLY A 170 2.88 13.78 -17.14
N ARG A 171 3.11 15.08 -17.21
CA ARG A 171 3.75 15.73 -18.34
C ARG A 171 5.26 15.52 -18.40
N GLY A 172 5.88 15.36 -17.24
CA GLY A 172 7.32 15.19 -17.15
C GLY A 172 8.03 16.52 -17.00
N ILE A 173 9.17 16.50 -16.32
CA ILE A 173 10.00 17.70 -16.21
C ILE A 173 10.70 17.94 -17.54
N PRO A 174 10.63 19.18 -18.06
CA PRO A 174 11.30 19.51 -19.33
C PRO A 174 12.76 19.06 -19.37
N GLU A 175 13.22 18.63 -20.54
CA GLU A 175 14.55 18.02 -20.68
C GLU A 175 15.67 19.02 -20.43
N ASP A 176 15.52 20.23 -20.97
CA ASP A 176 16.48 21.28 -20.75
C ASP A 176 16.65 21.54 -19.25
N CYS A 177 15.56 21.42 -18.50
CA CYS A 177 15.57 21.67 -17.07
C CYS A 177 16.07 20.45 -16.29
N ASP A 178 17.20 20.61 -15.61
CA ASP A 178 17.80 19.52 -14.85
C ASP A 178 17.49 19.70 -13.36
N TRP A 179 16.20 19.66 -13.04
CA TRP A 179 15.74 19.85 -11.68
C TRP A 179 16.28 18.72 -10.80
N PRO A 180 16.68 19.03 -9.55
CA PRO A 180 16.63 20.33 -8.87
C PRO A 180 17.90 21.17 -8.95
N ASN A 181 18.89 20.79 -9.77
CA ASN A 181 20.07 21.64 -9.94
C ASN A 181 19.70 22.93 -10.63
N GLU A 182 18.74 22.84 -11.55
CA GLU A 182 18.15 24.02 -12.18
C GLU A 182 16.73 24.15 -11.70
N GLY A 183 16.23 25.38 -11.63
CA GLY A 183 14.84 25.61 -11.28
C GLY A 183 14.67 26.97 -10.66
N ASN A 184 13.56 27.14 -9.95
CA ASN A 184 13.28 28.40 -9.28
C ASN A 184 13.52 28.21 -7.80
N LEU A 185 12.90 29.02 -6.94
CA LEU A 185 13.28 29.02 -5.53
C LEU A 185 13.09 27.64 -4.92
N GLY A 186 12.02 26.96 -5.33
CA GLY A 186 11.74 25.62 -4.85
C GLY A 186 12.90 24.65 -4.99
N SER A 187 13.59 24.71 -6.12
CA SER A 187 14.70 23.80 -6.38
C SER A 187 15.88 24.03 -5.45
N ARG A 188 16.07 25.29 -5.06
CA ARG A 188 17.15 25.63 -4.14
C ARG A 188 16.83 25.11 -2.73
N ILE A 189 15.57 25.26 -2.33
CA ILE A 189 15.12 24.72 -1.05
C ILE A 189 15.40 23.22 -1.01
N VAL A 190 14.97 22.52 -2.05
CA VAL A 190 15.09 21.07 -2.11
C VAL A 190 16.55 20.63 -1.99
N ARG A 191 17.45 21.31 -2.69
CA ARG A 191 18.85 20.92 -2.66
C ARG A 191 19.47 21.11 -1.27
N GLN A 192 19.02 22.13 -0.57
CA GLN A 192 19.56 22.42 0.76
C GLN A 192 19.09 21.37 1.77
N LEU A 193 17.78 21.12 1.80
CA LEU A 193 17.21 20.21 2.77
C LEU A 193 17.70 18.77 2.58
N VAL A 194 17.87 18.36 1.33
CA VAL A 194 18.42 17.04 1.03
C VAL A 194 19.82 16.93 1.64
N GLN A 195 20.57 18.02 1.55
CA GLN A 195 21.93 18.04 2.06
C GLN A 195 21.93 17.97 3.58
N GLY A 196 20.99 18.67 4.21
CA GLY A 196 20.89 18.69 5.66
C GLY A 196 20.45 17.36 6.24
N LEU A 197 19.82 16.54 5.41
CA LEU A 197 19.32 15.25 5.84
C LEU A 197 20.34 14.14 5.64
N GLY A 198 21.43 14.46 4.97
CA GLY A 198 22.41 13.45 4.59
C GLY A 198 21.80 12.46 3.61
N ALA A 199 20.84 12.95 2.84
CA ALA A 199 20.04 12.10 1.96
C ALA A 199 20.55 12.08 0.52
N GLU A 200 19.94 11.24 -0.30
CA GLU A 200 20.24 11.16 -1.73
C GLU A 200 18.94 11.37 -2.48
N LEU A 201 18.95 12.30 -3.44
CA LEU A 201 17.78 12.55 -4.27
C LEU A 201 18.05 12.08 -5.69
N ASN A 202 17.02 11.52 -6.33
CA ASN A 202 17.10 11.07 -7.71
C ASN A 202 15.82 11.42 -8.45
N VAL A 203 15.93 11.63 -9.77
CA VAL A 203 14.79 12.04 -10.58
C VAL A 203 14.75 11.29 -11.91
N THR A 204 13.55 10.94 -12.34
CA THR A 204 13.32 10.19 -13.57
C THR A 204 12.28 10.91 -14.42
N ARG A 205 12.57 11.14 -15.69
CA ARG A 205 11.78 12.02 -16.55
C ARG A 205 10.85 11.30 -17.53
N GLY A 206 10.17 12.09 -18.37
CA GLY A 206 9.41 11.58 -19.50
C GLY A 206 7.94 11.98 -19.51
N GLY A 207 7.30 11.82 -20.68
CA GLY A 207 5.87 12.08 -20.81
C GLY A 207 5.01 11.05 -20.08
N THR A 208 5.66 10.01 -19.58
CA THR A 208 5.00 9.06 -18.71
C THR A 208 5.08 9.56 -17.27
N GLY A 209 5.86 10.61 -17.05
CA GLY A 209 5.84 11.35 -15.79
C GLY A 209 7.18 11.61 -15.13
N THR A 210 7.09 12.13 -13.90
CA THR A 210 8.24 12.44 -13.07
C THR A 210 8.24 11.56 -11.81
N ILE A 211 9.34 10.86 -11.56
CA ILE A 211 9.50 10.11 -10.32
C ILE A 211 10.66 10.66 -9.53
N VAL A 212 10.36 11.12 -8.31
CA VAL A 212 11.38 11.62 -7.40
C VAL A 212 11.53 10.67 -6.21
N ASN A 213 12.77 10.31 -5.90
CA ASN A 213 13.06 9.43 -4.77
C ASN A 213 14.14 10.01 -3.88
N ILE A 214 13.83 10.17 -2.60
CA ILE A 214 14.80 10.62 -1.61
C ILE A 214 15.04 9.49 -0.64
N ASP A 215 16.29 9.04 -0.56
CA ASP A 215 16.68 8.04 0.42
C ASP A 215 17.33 8.75 1.61
N ILE A 216 16.76 8.55 2.81
CA ILE A 216 17.17 9.29 3.99
C ILE A 216 17.65 8.35 5.10
N PRO A 217 18.85 8.61 5.66
CA PRO A 217 19.32 7.72 6.74
C PRO A 217 18.87 8.20 8.12
N LEU A 218 17.81 7.62 8.65
CA LEU A 218 17.30 7.99 9.97
C LEU A 218 18.29 7.62 11.06
N SER A 219 19.15 6.64 10.78
CA SER A 219 20.17 6.21 11.75
C SER A 219 21.21 7.30 11.98
N GLN A 220 21.45 8.12 10.95
CA GLN A 220 22.49 9.15 11.01
C GLN A 220 21.97 10.53 11.43
N GLN A 221 20.69 10.62 11.77
CA GLN A 221 20.10 11.92 12.08
C GLN A 221 20.61 12.51 13.38
N LYS A 222 20.73 11.67 14.42
CA LYS A 222 21.28 12.10 15.70
C LYS A 222 22.64 12.76 15.49
N THR A 223 23.48 12.10 14.70
CA THR A 223 24.82 12.58 14.39
C THR A 223 24.80 13.93 13.68
N LEU A 224 23.98 14.06 12.64
CA LEU A 224 23.86 15.31 11.90
C LEU A 224 23.42 16.46 12.81
N ILE A 225 22.41 16.19 13.62
CA ILE A 225 21.80 17.22 14.47
C ILE A 225 22.77 17.72 15.55
N ALA A 226 23.54 16.80 16.13
CA ALA A 226 24.49 17.17 17.18
C ALA A 226 25.76 17.81 16.63
N ASP A 227 26.10 17.51 15.37
CA ASP A 227 27.23 18.14 14.71
C ASP A 227 26.97 19.63 14.51
N GLU A 228 25.70 19.98 14.38
CA GLU A 228 25.30 21.37 14.19
C GLU A 228 25.37 22.16 15.50
N ARG A 229 25.84 21.49 16.55
CA ARG A 229 25.86 22.08 17.89
C ARG A 229 27.17 21.75 18.60
N ALA B 16 -21.64 31.80 -3.76
CA ALA B 16 -22.77 32.23 -2.95
C ALA B 16 -24.02 31.41 -3.30
N THR B 17 -24.81 31.91 -4.25
CA THR B 17 -25.97 31.21 -4.77
C THR B 17 -25.51 30.21 -5.81
N GLU B 18 -24.29 30.43 -6.31
CA GLU B 18 -23.65 29.57 -7.30
C GLU B 18 -23.55 28.15 -6.78
N LEU B 19 -23.46 28.01 -5.46
CA LEU B 19 -23.34 26.70 -4.84
C LEU B 19 -24.62 25.89 -5.06
N ASP B 20 -25.77 26.54 -4.98
CA ASP B 20 -27.03 25.84 -5.15
C ASP B 20 -27.21 25.33 -6.56
N ARG B 21 -26.79 26.10 -7.55
CA ARG B 21 -26.98 25.68 -8.94
C ARG B 21 -26.11 24.47 -9.28
N GLN B 22 -24.91 24.42 -8.70
CA GLN B 22 -24.05 23.27 -8.91
C GLN B 22 -24.71 21.99 -8.38
N LEU B 23 -25.29 22.07 -7.18
CA LEU B 23 -25.97 20.93 -6.61
C LEU B 23 -27.22 20.57 -7.42
N ALA B 24 -27.82 21.56 -8.05
CA ALA B 24 -29.00 21.32 -8.88
C ALA B 24 -28.62 20.54 -10.12
N GLU B 25 -27.50 20.93 -10.74
CA GLU B 25 -26.99 20.21 -11.90
C GLU B 25 -26.74 18.75 -11.52
N VAL B 26 -26.16 18.52 -10.35
CA VAL B 26 -25.94 17.17 -9.85
C VAL B 26 -27.27 16.47 -9.71
N GLN B 27 -28.21 17.12 -9.02
CA GLN B 27 -29.52 16.54 -8.79
C GLN B 27 -30.17 16.12 -10.10
N HIS B 28 -30.02 16.98 -11.12
CA HIS B 28 -30.68 16.75 -12.40
C HIS B 28 -30.10 15.57 -13.17
N ARG B 29 -28.79 15.35 -13.05
CA ARG B 29 -28.12 14.27 -13.78
C ARG B 29 -28.21 12.94 -13.04
N VAL B 30 -29.00 12.91 -11.97
CA VAL B 30 -29.10 11.73 -11.12
C VAL B 30 -30.54 11.18 -11.11
N LYS B 31 -30.68 9.87 -10.98
CA LYS B 31 -31.99 9.22 -10.99
C LYS B 31 -32.57 8.98 -9.60
N ASN B 32 -33.84 9.35 -9.45
CA ASN B 32 -34.68 8.90 -8.35
C ASN B 32 -34.15 9.12 -6.93
N HIS B 33 -33.70 8.07 -6.25
CA HIS B 33 -33.47 8.12 -4.82
C HIS B 33 -32.28 8.98 -4.44
N LEU B 34 -31.20 8.90 -5.21
CA LEU B 34 -30.02 9.69 -4.91
C LEU B 34 -30.35 11.16 -5.10
N ALA B 35 -31.20 11.46 -6.07
CA ALA B 35 -31.60 12.84 -6.34
C ALA B 35 -32.33 13.43 -5.14
N MET B 36 -33.08 12.59 -4.41
CA MET B 36 -33.83 13.03 -3.26
C MET B 36 -32.89 13.47 -2.14
N ILE B 37 -31.78 12.76 -1.99
CA ILE B 37 -30.78 13.11 -0.99
C ILE B 37 -30.08 14.40 -1.37
N VAL B 38 -29.85 14.62 -2.66
CA VAL B 38 -29.27 15.88 -3.10
C VAL B 38 -30.22 17.01 -2.73
N SER B 39 -31.50 16.83 -3.03
CA SER B 39 -32.52 17.81 -2.67
C SER B 39 -32.50 18.10 -1.17
N MET B 40 -32.39 17.03 -0.37
CA MET B 40 -32.34 17.16 1.08
C MET B 40 -31.18 18.07 1.52
N ILE B 41 -30.01 17.84 0.93
CA ILE B 41 -28.82 18.60 1.30
C ILE B 41 -28.96 20.06 0.86
N ARG B 42 -29.50 20.28 -0.32
CA ARG B 42 -29.68 21.64 -0.82
C ARG B 42 -30.60 22.43 0.09
N ILE B 43 -31.65 21.76 0.58
CA ILE B 43 -32.64 22.41 1.42
C ILE B 43 -32.09 22.70 2.81
N GLN B 44 -31.41 21.73 3.40
CA GLN B 44 -30.78 21.95 4.71
C GLN B 44 -29.77 23.08 4.60
N SER B 45 -29.07 23.11 3.47
CA SER B 45 -28.06 24.13 3.22
C SER B 45 -28.69 25.53 3.17
N SER B 46 -29.85 25.64 2.52
CA SER B 46 -30.52 26.92 2.39
C SER B 46 -31.05 27.47 3.71
N GLN B 47 -31.20 26.60 4.71
CA GLN B 47 -31.81 27.00 5.98
C GLN B 47 -30.81 27.04 7.13
N ALA B 48 -29.54 27.24 6.81
CA ALA B 48 -28.49 27.24 7.82
C ALA B 48 -27.57 28.46 7.69
N ASP B 56 -21.04 22.02 9.64
CA ASP B 56 -20.03 21.02 9.95
C ASP B 56 -20.20 19.79 9.06
N SER B 57 -21.04 18.85 9.48
CA SER B 57 -21.31 17.67 8.67
C SER B 57 -22.00 18.08 7.38
N LEU B 58 -22.90 19.05 7.47
CA LEU B 58 -23.60 19.56 6.29
C LEU B 58 -22.61 20.06 5.25
N SER B 59 -21.60 20.80 5.69
CA SER B 59 -20.57 21.30 4.80
C SER B 59 -19.85 20.15 4.11
N ARG B 60 -19.63 19.06 4.84
CA ARG B 60 -18.95 17.91 4.28
C ARG B 60 -19.78 17.27 3.18
N ARG B 61 -21.10 17.22 3.37
CA ARG B 61 -21.97 16.61 2.37
C ARG B 61 -22.07 17.51 1.15
N VAL B 62 -22.16 18.82 1.37
CA VAL B 62 -22.17 19.77 0.27
C VAL B 62 -20.88 19.64 -0.52
N GLU B 63 -19.76 19.65 0.18
CA GLU B 63 -18.46 19.58 -0.46
C GLU B 63 -18.30 18.33 -1.33
N ALA B 64 -18.75 17.19 -0.83
CA ALA B 64 -18.66 15.95 -1.58
C ALA B 64 -19.44 16.04 -2.89
N LEU B 65 -20.46 16.89 -2.90
CA LEU B 65 -21.31 17.06 -4.08
C LEU B 65 -20.71 18.07 -5.06
N GLN B 66 -20.03 19.09 -4.52
CA GLN B 66 -19.33 20.02 -5.39
C GLN B 66 -18.19 19.30 -6.10
N LEU B 67 -17.52 18.40 -5.38
CA LEU B 67 -16.47 17.60 -5.97
C LEU B 67 -17.00 16.66 -7.05
N LEU B 68 -18.23 16.18 -6.87
CA LEU B 68 -18.84 15.33 -7.88
C LEU B 68 -19.18 16.17 -9.11
N TYR B 69 -19.65 17.39 -8.86
CA TYR B 69 -19.98 18.32 -9.94
C TYR B 69 -18.76 18.64 -10.79
N GLN B 70 -17.61 18.82 -10.15
CA GLN B 70 -16.37 19.12 -10.88
C GLN B 70 -16.00 17.95 -11.78
N GLU B 71 -16.12 16.73 -11.25
CA GLU B 71 -15.82 15.53 -12.04
C GLU B 71 -16.74 15.45 -13.26
N MET B 72 -18.00 15.81 -13.09
CA MET B 72 -18.97 15.75 -14.18
C MET B 72 -18.69 16.79 -15.24
N ASP B 73 -18.30 17.97 -14.80
CA ASP B 73 -17.87 19.05 -15.68
C ASP B 73 -16.75 18.55 -16.60
N ILE B 74 -15.69 18.04 -15.99
CA ILE B 74 -14.53 17.53 -16.71
C ILE B 74 -14.90 16.35 -17.61
N ALA B 75 -15.80 15.50 -17.15
CA ALA B 75 -16.12 14.26 -17.86
C ALA B 75 -17.05 14.49 -19.05
N GLY B 76 -17.85 15.54 -19.00
CA GLY B 76 -18.84 15.79 -20.03
C GLY B 76 -20.08 14.95 -19.80
N ALA B 77 -20.99 14.98 -20.76
CA ALA B 77 -22.29 14.32 -20.61
C ALA B 77 -22.28 12.90 -21.20
N ALA B 78 -23.24 12.09 -20.76
CA ALA B 78 -23.31 10.70 -21.19
C ALA B 78 -24.59 10.04 -20.67
N LYS B 79 -24.78 8.76 -21.01
CA LYS B 79 -25.85 7.96 -20.44
C LYS B 79 -25.74 7.90 -18.91
N ALA B 80 -26.79 7.43 -18.25
CA ALA B 80 -26.77 7.29 -16.79
C ALA B 80 -25.89 6.11 -16.37
N THR B 81 -25.79 5.12 -17.25
CA THR B 81 -25.03 3.90 -16.95
C THR B 81 -23.61 3.92 -17.50
N ASP B 82 -23.24 5.01 -18.17
CA ASP B 82 -21.90 5.14 -18.73
C ASP B 82 -20.88 5.39 -17.63
N LYS B 83 -19.81 4.59 -17.64
CA LYS B 83 -18.74 4.70 -16.66
C LYS B 83 -17.83 5.87 -17.02
N ILE B 84 -18.03 7.01 -16.36
CA ILE B 84 -17.35 8.25 -16.74
C ILE B 84 -16.64 8.96 -15.59
N ILE B 85 -16.95 8.59 -14.34
CA ILE B 85 -16.33 9.22 -13.17
C ILE B 85 -15.13 8.44 -12.66
N PRO B 86 -13.94 9.08 -12.61
CA PRO B 86 -12.77 8.42 -12.01
C PRO B 86 -12.88 8.39 -10.49
N LEU B 87 -13.34 7.26 -9.97
CA LEU B 87 -13.70 7.15 -8.56
C LEU B 87 -12.52 7.42 -7.64
N GLY B 88 -11.36 6.90 -8.00
CA GLY B 88 -10.15 7.09 -7.23
C GLY B 88 -9.79 8.55 -7.00
N ALA B 89 -9.79 9.34 -8.06
CA ALA B 89 -9.47 10.77 -7.94
C ALA B 89 -10.49 11.46 -7.05
N TYR B 90 -11.76 11.17 -7.33
CA TYR B 90 -12.88 11.72 -6.58
C TYR B 90 -12.76 11.44 -5.07
N LEU B 91 -12.49 10.20 -4.70
CA LEU B 91 -12.38 9.84 -3.29
C LEU B 91 -11.15 10.47 -2.65
N GLY B 92 -10.07 10.55 -3.43
CA GLY B 92 -8.84 11.14 -2.94
C GLY B 92 -9.06 12.57 -2.51
N ARG B 93 -9.89 13.29 -3.26
CA ARG B 93 -10.19 14.69 -2.96
C ARG B 93 -11.14 14.83 -1.78
N ILE B 94 -12.11 13.93 -1.65
CA ILE B 94 -12.97 13.91 -0.48
C ILE B 94 -12.15 13.70 0.79
N ALA B 95 -11.24 12.74 0.76
CA ALA B 95 -10.38 12.44 1.90
C ALA B 95 -9.47 13.63 2.24
N SER B 96 -8.91 14.27 1.21
CA SER B 96 -8.01 15.39 1.43
C SER B 96 -8.72 16.56 2.08
N ALA B 97 -9.93 16.86 1.62
CA ALA B 97 -10.71 17.94 2.19
C ALA B 97 -10.97 17.67 3.67
N ILE B 98 -11.41 16.44 3.96
CA ILE B 98 -11.78 16.06 5.31
C ILE B 98 -10.59 16.09 6.28
N ASN B 99 -9.45 15.54 5.88
CA ASN B 99 -8.29 15.55 6.76
C ASN B 99 -7.75 16.97 6.94
N HIS B 100 -7.95 17.81 5.94
CA HIS B 100 -7.47 19.19 6.04
C HIS B 100 -8.29 20.01 7.02
N ILE B 101 -9.61 19.81 7.01
CA ILE B 101 -10.50 20.55 7.90
C ILE B 101 -10.60 19.89 9.27
N ASP B 102 -10.83 18.58 9.28
CA ASP B 102 -11.12 17.85 10.52
C ASP B 102 -9.92 17.12 11.08
N GLY B 103 -8.78 17.22 10.40
CA GLY B 103 -7.58 16.57 10.87
C GLY B 103 -7.01 17.27 12.09
N ARG B 104 -6.08 16.60 12.77
CA ARG B 104 -5.45 17.16 13.95
C ARG B 104 -4.04 16.57 14.06
N GLY B 105 -3.15 17.29 14.75
CA GLY B 105 -1.81 16.81 14.98
C GLY B 105 -1.76 15.38 15.50
N ALA B 106 -0.82 14.62 14.95
CA ALA B 106 -0.59 13.23 15.34
C ALA B 106 -1.71 12.26 14.94
N ILE B 107 -2.67 12.74 14.14
CA ILE B 107 -3.60 11.84 13.46
C ILE B 107 -3.12 11.64 12.01
N LYS B 108 -2.70 10.43 11.70
CA LYS B 108 -2.25 10.09 10.35
C LYS B 108 -3.44 9.62 9.52
N VAL B 109 -3.57 10.16 8.30
CA VAL B 109 -4.58 9.69 7.36
C VAL B 109 -3.93 9.22 6.06
N ASN B 110 -4.00 7.92 5.81
CA ASN B 110 -3.53 7.34 4.56
C ASN B 110 -4.66 7.08 3.57
N VAL B 111 -4.36 7.24 2.29
CA VAL B 111 -5.33 7.05 1.22
C VAL B 111 -4.73 6.20 0.11
N GLN B 112 -5.50 5.20 -0.32
CA GLN B 112 -5.10 4.33 -1.41
C GLN B 112 -6.33 3.90 -2.20
N ALA B 113 -6.60 4.60 -3.29
CA ALA B 113 -7.75 4.30 -4.15
C ALA B 113 -7.28 3.74 -5.49
N ASP B 114 -7.93 2.67 -5.95
CA ASP B 114 -7.65 2.13 -7.27
C ASP B 114 -8.21 3.04 -8.34
N THR B 115 -7.58 3.04 -9.50
CA THR B 115 -8.12 3.74 -10.65
C THR B 115 -9.26 2.91 -11.22
N VAL B 116 -10.43 3.51 -11.31
CA VAL B 116 -11.61 2.82 -11.80
C VAL B 116 -12.66 3.85 -12.19
N ASP B 117 -13.25 3.65 -13.35
CA ASP B 117 -14.34 4.50 -13.82
C ASP B 117 -15.68 3.91 -13.39
N VAL B 118 -16.55 4.76 -12.87
CA VAL B 118 -17.88 4.34 -12.43
C VAL B 118 -18.92 5.33 -12.93
N PRO B 119 -20.20 4.92 -12.94
CA PRO B 119 -21.27 5.85 -13.32
C PRO B 119 -21.46 6.95 -12.28
N VAL B 120 -22.14 8.02 -12.67
CA VAL B 120 -22.34 9.17 -11.80
C VAL B 120 -23.06 8.79 -10.51
N GLU B 121 -24.17 8.07 -10.63
CA GLU B 121 -24.92 7.66 -9.46
C GLU B 121 -24.04 6.88 -8.51
N THR B 122 -23.31 5.91 -9.06
CA THR B 122 -22.44 5.06 -8.25
C THR B 122 -21.39 5.88 -7.51
N ALA B 123 -20.82 6.87 -8.21
CA ALA B 123 -19.79 7.72 -7.62
C ALA B 123 -20.35 8.57 -6.49
N GLY B 124 -21.51 9.19 -6.75
CA GLY B 124 -22.16 10.02 -5.75
C GLY B 124 -22.43 9.25 -4.48
N ARG B 125 -22.99 8.05 -4.61
CA ARG B 125 -23.31 7.23 -3.46
C ARG B 125 -22.05 6.84 -2.68
N ILE B 126 -21.01 6.43 -3.39
CA ILE B 126 -19.76 6.01 -2.73
C ILE B 126 -19.07 7.21 -2.08
N GLY B 127 -19.13 8.35 -2.75
CA GLY B 127 -18.51 9.56 -2.22
C GLY B 127 -19.12 9.99 -0.91
N LEU B 128 -20.45 10.07 -0.86
CA LEU B 128 -21.14 10.43 0.38
C LEU B 128 -20.90 9.40 1.47
N LEU B 129 -20.86 8.13 1.08
CA LEU B 129 -20.63 7.04 2.03
C LEU B 129 -19.28 7.20 2.72
N VAL B 130 -18.25 7.44 1.92
CA VAL B 130 -16.90 7.60 2.42
C VAL B 130 -16.81 8.83 3.29
N SER B 131 -17.40 9.92 2.82
CA SER B 131 -17.44 11.16 3.57
C SER B 131 -18.04 10.91 4.96
N GLU B 132 -19.16 10.21 5.01
CA GLU B 132 -19.81 9.93 6.29
C GLU B 132 -18.90 9.10 7.21
N VAL B 133 -18.36 8.01 6.69
CA VAL B 133 -17.53 7.10 7.50
C VAL B 133 -16.20 7.74 7.85
N LEU B 134 -15.63 8.50 6.92
CA LEU B 134 -14.32 9.09 7.14
C LEU B 134 -14.37 10.27 8.11
N THR B 135 -15.40 11.11 8.03
CA THR B 135 -15.49 12.21 8.99
C THR B 135 -15.80 11.65 10.38
N ASN B 136 -16.52 10.54 10.44
CA ASN B 136 -16.79 9.86 11.70
C ASN B 136 -15.50 9.50 12.44
N ALA B 137 -14.55 8.91 11.71
CA ALA B 137 -13.27 8.55 12.30
C ALA B 137 -12.57 9.77 12.88
N LEU B 138 -12.49 10.83 12.09
CA LEU B 138 -11.77 12.02 12.52
C LEU B 138 -12.52 12.80 13.61
N GLN B 139 -13.84 12.67 13.62
CA GLN B 139 -14.68 13.33 14.62
C GLN B 139 -14.67 12.63 15.96
N HIS B 140 -14.82 11.31 15.93
CA HIS B 140 -15.23 10.55 17.10
C HIS B 140 -14.15 9.63 17.66
N ALA B 141 -13.31 9.08 16.80
CA ALA B 141 -12.47 7.96 17.18
C ALA B 141 -11.32 8.33 18.12
N PHE B 142 -10.94 9.60 18.13
CA PHE B 142 -9.74 10.03 18.85
C PHE B 142 -10.03 11.08 19.93
N SER B 143 -11.28 11.13 20.38
CA SER B 143 -11.69 12.10 21.41
C SER B 143 -10.74 12.14 22.60
N ASP B 144 -10.41 10.98 23.14
CA ASP B 144 -9.52 10.88 24.31
C ASP B 144 -8.15 10.33 23.95
N ARG B 145 -7.73 10.50 22.70
CA ARG B 145 -6.45 9.99 22.22
C ARG B 145 -5.53 11.11 21.75
N ALA B 146 -4.24 10.99 22.06
CA ALA B 146 -3.25 11.97 21.63
C ALA B 146 -2.62 11.59 20.30
N SER B 147 -3.04 10.46 19.76
CA SER B 147 -2.52 9.96 18.48
C SER B 147 -3.56 9.07 17.84
N GLY B 148 -3.42 8.89 16.54
CA GLY B 148 -4.35 8.04 15.82
C GLY B 148 -3.92 7.82 14.40
N VAL B 149 -4.48 6.78 13.81
CA VAL B 149 -4.30 6.47 12.41
C VAL B 149 -5.67 6.21 11.81
N VAL B 150 -5.91 6.79 10.64
CA VAL B 150 -7.05 6.41 9.82
C VAL B 150 -6.52 5.99 8.46
N GLN B 151 -7.06 4.91 7.91
CA GLN B 151 -6.69 4.48 6.57
C GLN B 151 -7.93 4.34 5.71
N LEU B 152 -7.85 4.87 4.49
CA LEU B 152 -8.89 4.68 3.49
C LEU B 152 -8.33 3.86 2.34
N ARG B 153 -9.04 2.80 1.96
CA ARG B 153 -8.67 2.01 0.80
C ARG B 153 -9.87 1.81 -0.11
N SER B 154 -9.60 1.73 -1.41
CA SER B 154 -10.62 1.45 -2.40
C SER B 154 -10.01 0.51 -3.42
N SER B 155 -10.32 -0.78 -3.28
CA SER B 155 -9.64 -1.82 -4.05
C SER B 155 -10.59 -2.58 -4.96
N VAL B 156 -10.22 -2.69 -6.22
CA VAL B 156 -10.92 -3.59 -7.14
C VAL B 156 -10.37 -4.98 -6.94
N MET B 157 -11.28 -5.92 -6.70
CA MET B 157 -10.93 -7.32 -6.51
C MET B 157 -11.52 -8.11 -7.68
N SER B 158 -11.70 -9.41 -7.51
CA SER B 158 -12.16 -10.24 -8.61
C SER B 158 -13.63 -9.95 -8.92
N GLY B 159 -14.05 -10.25 -10.14
CA GLY B 159 -15.44 -10.12 -10.52
C GLY B 159 -16.02 -8.71 -10.45
N GLU B 160 -15.14 -7.72 -10.61
CA GLU B 160 -15.54 -6.31 -10.53
C GLU B 160 -16.16 -5.97 -9.17
N GLN B 161 -15.70 -6.64 -8.12
CA GLN B 161 -16.10 -6.28 -6.76
C GLN B 161 -15.20 -5.18 -6.25
N LEU B 162 -15.79 -4.06 -5.85
CA LEU B 162 -15.06 -2.98 -5.22
C LEU B 162 -15.23 -3.08 -3.72
N ARG B 163 -14.11 -3.09 -3.00
CA ARG B 163 -14.13 -3.06 -1.54
C ARG B 163 -13.60 -1.73 -1.05
N VAL B 164 -14.44 -0.99 -0.34
CA VAL B 164 -14.05 0.27 0.25
C VAL B 164 -13.93 0.08 1.76
N THR B 165 -12.81 0.51 2.32
CA THR B 165 -12.49 0.25 3.71
C THR B 165 -12.02 1.51 4.41
N VAL B 166 -12.62 1.81 5.55
CA VAL B 166 -12.14 2.88 6.42
C VAL B 166 -11.81 2.31 7.79
N GLU B 167 -10.52 2.38 8.13
CA GLU B 167 -9.99 1.81 9.36
C GLU B 167 -9.56 2.94 10.27
N ASP B 168 -9.72 2.75 11.57
CA ASP B 168 -9.05 3.62 12.53
C ASP B 168 -8.55 2.76 13.68
N ASP B 169 -7.60 3.28 14.45
CA ASP B 169 -7.09 2.58 15.62
C ASP B 169 -7.55 3.32 16.87
N GLY B 170 -8.74 3.91 16.78
CA GLY B 170 -9.26 4.75 17.83
C GLY B 170 -9.97 3.99 18.93
N ARG B 171 -10.97 4.64 19.52
CA ARG B 171 -11.61 4.13 20.72
C ARG B 171 -12.87 3.29 20.45
N GLY B 172 -13.27 3.20 19.20
CA GLY B 172 -14.39 2.34 18.83
C GLY B 172 -15.74 3.01 18.99
N ILE B 173 -16.69 2.60 18.17
CA ILE B 173 -18.06 3.07 18.33
C ILE B 173 -18.54 2.59 19.69
N PRO B 174 -19.28 3.45 20.42
CA PRO B 174 -19.82 3.00 21.71
C PRO B 174 -20.70 1.75 21.57
N GLU B 175 -20.55 0.79 22.47
CA GLU B 175 -21.29 -0.47 22.37
C GLU B 175 -22.80 -0.26 22.41
N ASP B 176 -23.24 0.78 23.13
CA ASP B 176 -24.66 1.09 23.21
C ASP B 176 -25.17 1.81 21.95
N CYS B 177 -24.40 1.68 20.87
CA CYS B 177 -24.77 2.28 19.58
C CYS B 177 -24.49 1.29 18.44
N ASP B 178 -25.54 0.74 17.85
CA ASP B 178 -25.38 -0.24 16.76
C ASP B 178 -25.36 0.48 15.41
N TRP B 179 -24.30 1.25 15.19
CA TRP B 179 -24.13 1.94 13.93
C TRP B 179 -23.96 0.91 12.81
N PRO B 180 -24.56 1.16 11.64
CA PRO B 180 -25.32 2.32 11.17
C PRO B 180 -26.83 2.23 11.40
N ASN B 181 -27.28 1.20 12.11
CA ASN B 181 -28.71 1.07 12.42
C ASN B 181 -29.14 2.10 13.45
N GLU B 182 -28.18 2.55 14.27
CA GLU B 182 -28.42 3.59 15.24
C GLU B 182 -27.51 4.77 14.93
N GLY B 183 -27.72 5.88 15.62
CA GLY B 183 -26.95 7.09 15.40
C GLY B 183 -27.81 8.23 14.87
N ASN B 184 -27.14 9.27 14.39
CA ASN B 184 -27.82 10.47 13.90
C ASN B 184 -28.07 10.39 12.40
N LEU B 185 -28.19 11.55 11.75
CA LEU B 185 -28.55 11.62 10.34
C LEU B 185 -27.52 10.91 9.47
N GLY B 186 -26.26 11.00 9.85
CA GLY B 186 -25.19 10.34 9.12
C GLY B 186 -25.45 8.85 8.94
N SER B 187 -25.87 8.18 10.02
CA SER B 187 -26.15 6.75 9.96
C SER B 187 -27.33 6.44 9.04
N ARG B 188 -28.27 7.38 8.94
CA ARG B 188 -29.46 7.18 8.12
C ARG B 188 -29.11 7.33 6.64
N ILE B 189 -28.16 8.22 6.34
CA ILE B 189 -27.65 8.40 4.98
C ILE B 189 -26.88 7.15 4.53
N VAL B 190 -26.01 6.63 5.40
CA VAL B 190 -25.21 5.46 5.08
C VAL B 190 -26.08 4.27 4.68
N ARG B 191 -27.09 3.96 5.47
CA ARG B 191 -27.92 2.80 5.19
C ARG B 191 -28.63 2.93 3.84
N GLN B 192 -29.07 4.15 3.54
CA GLN B 192 -29.73 4.44 2.28
C GLN B 192 -28.79 4.20 1.08
N LEU B 193 -27.60 4.78 1.15
CA LEU B 193 -26.63 4.68 0.08
C LEU B 193 -26.17 3.25 -0.18
N VAL B 194 -25.94 2.49 0.89
CA VAL B 194 -25.53 1.09 0.75
C VAL B 194 -26.59 0.33 -0.03
N GLN B 195 -27.84 0.52 0.37
CA GLN B 195 -29.00 -0.04 -0.33
C GLN B 195 -28.93 0.28 -1.82
N GLY B 196 -28.68 1.55 -2.13
CA GLY B 196 -28.64 2.02 -3.51
C GLY B 196 -27.50 1.49 -4.35
N LEU B 197 -26.41 1.07 -3.70
CA LEU B 197 -25.27 0.52 -4.42
C LEU B 197 -25.41 -0.99 -4.61
N GLY B 198 -26.38 -1.59 -3.92
CA GLY B 198 -26.51 -3.03 -3.89
C GLY B 198 -25.35 -3.65 -3.14
N ALA B 199 -24.88 -2.94 -2.11
CA ALA B 199 -23.66 -3.29 -1.41
C ALA B 199 -23.90 -3.98 -0.07
N GLU B 200 -22.83 -4.51 0.51
CA GLU B 200 -22.84 -5.05 1.87
C GLU B 200 -21.88 -4.23 2.72
N LEU B 201 -22.37 -3.72 3.83
CA LEU B 201 -21.52 -3.00 4.78
C LEU B 201 -21.28 -3.87 6.02
N ASN B 202 -20.07 -3.81 6.57
CA ASN B 202 -19.73 -4.53 7.79
C ASN B 202 -18.85 -3.66 8.69
N VAL B 203 -19.14 -3.68 9.99
CA VAL B 203 -18.39 -2.89 10.96
C VAL B 203 -17.91 -3.76 12.11
N THR B 204 -16.66 -3.58 12.51
CA THR B 204 -16.14 -4.21 13.71
C THR B 204 -15.56 -3.13 14.60
N ARG B 205 -15.75 -3.27 15.91
CA ARG B 205 -15.45 -2.19 16.84
C ARG B 205 -14.95 -2.69 18.19
N GLY B 206 -14.14 -1.86 18.83
CA GLY B 206 -13.54 -2.17 20.12
C GLY B 206 -12.58 -1.07 20.52
N GLY B 207 -11.81 -1.29 21.58
CA GLY B 207 -10.85 -0.30 22.04
C GLY B 207 -9.62 -0.18 21.17
N THR B 208 -9.51 -1.04 20.16
CA THR B 208 -8.39 -1.01 19.23
C THR B 208 -8.80 -0.34 17.91
N GLY B 209 -10.04 0.15 17.86
CA GLY B 209 -10.50 0.97 16.74
C GLY B 209 -11.77 0.48 16.08
N THR B 210 -12.14 1.16 15.00
CA THR B 210 -13.31 0.80 14.20
C THR B 210 -12.90 0.51 12.76
N ILE B 211 -13.44 -0.56 12.19
CA ILE B 211 -13.13 -0.95 10.82
C ILE B 211 -14.41 -1.15 10.04
N VAL B 212 -14.65 -0.29 9.06
CA VAL B 212 -15.82 -0.39 8.21
C VAL B 212 -15.41 -0.89 6.83
N ASN B 213 -16.02 -1.99 6.40
CA ASN B 213 -15.78 -2.55 5.07
C ASN B 213 -17.07 -2.56 4.27
N ILE B 214 -17.06 -1.90 3.11
CA ILE B 214 -18.20 -1.94 2.19
C ILE B 214 -17.80 -2.67 0.92
N ASP B 215 -18.52 -3.74 0.60
CA ASP B 215 -18.33 -4.45 -0.66
C ASP B 215 -19.41 -4.02 -1.66
N ILE B 216 -18.97 -3.46 -2.79
CA ILE B 216 -19.86 -2.88 -3.78
C ILE B 216 -19.70 -3.63 -5.11
N PRO B 217 -20.81 -4.12 -5.70
CA PRO B 217 -20.69 -4.86 -6.95
C PRO B 217 -20.81 -3.97 -8.18
N LEU B 218 -19.67 -3.66 -8.79
CA LEU B 218 -19.63 -2.74 -9.93
C LEU B 218 -20.25 -3.31 -11.20
N SER B 219 -20.41 -4.63 -11.25
CA SER B 219 -21.10 -5.28 -12.36
C SER B 219 -22.55 -4.84 -12.44
N GLN B 220 -23.20 -4.75 -11.29
CA GLN B 220 -24.64 -4.55 -11.22
C GLN B 220 -25.06 -3.09 -11.36
N GLN B 221 -24.10 -2.17 -11.40
CA GLN B 221 -24.41 -0.75 -11.43
C GLN B 221 -25.28 -0.37 -12.65
N LYS B 222 -24.94 -0.90 -13.83
CA LYS B 222 -25.72 -0.66 -15.04
C LYS B 222 -27.19 -0.99 -14.81
N THR B 223 -27.45 -2.12 -14.17
CA THR B 223 -28.79 -2.67 -14.04
C THR B 223 -29.56 -1.96 -12.95
N LEU B 224 -28.93 -1.81 -11.79
CA LEU B 224 -29.53 -1.11 -10.67
C LEU B 224 -30.01 0.28 -11.09
N ILE B 225 -29.22 0.94 -11.94
CA ILE B 225 -29.53 2.29 -12.37
C ILE B 225 -30.64 2.31 -13.42
N ALA B 226 -30.64 1.31 -14.30
CA ALA B 226 -31.66 1.19 -15.34
C ALA B 226 -33.05 1.42 -14.77
N ASP B 227 -33.31 0.84 -13.60
CA ASP B 227 -34.49 1.15 -12.81
C ASP B 227 -34.69 2.65 -12.68
N ALA C 16 8.44 -34.08 -17.29
CA ALA C 16 9.45 -33.41 -18.11
C ALA C 16 8.98 -33.36 -19.57
N THR C 17 8.51 -34.49 -20.07
CA THR C 17 7.87 -34.53 -21.37
C THR C 17 6.70 -33.54 -21.37
N GLU C 18 6.07 -33.40 -20.21
CA GLU C 18 4.91 -32.53 -20.06
C GLU C 18 5.30 -31.06 -19.91
N LEU C 19 6.47 -30.80 -19.33
CA LEU C 19 6.95 -29.43 -19.19
C LEU C 19 7.02 -28.79 -20.57
N ASP C 20 7.56 -29.54 -21.52
CA ASP C 20 7.80 -28.98 -22.85
C ASP C 20 6.50 -28.83 -23.64
N ARG C 21 5.55 -29.73 -23.43
CA ARG C 21 4.25 -29.60 -24.09
C ARG C 21 3.61 -28.28 -23.69
N GLN C 22 3.87 -27.88 -22.45
CA GLN C 22 3.30 -26.66 -21.91
C GLN C 22 3.97 -25.42 -22.49
N LEU C 23 5.28 -25.32 -22.34
CA LEU C 23 6.04 -24.21 -22.93
C LEU C 23 5.74 -24.11 -24.42
N ALA C 24 5.60 -25.25 -25.08
CA ALA C 24 5.30 -25.31 -26.50
C ALA C 24 3.94 -24.69 -26.79
N GLU C 25 2.95 -24.99 -25.95
CA GLU C 25 1.62 -24.44 -26.12
C GLU C 25 1.64 -22.92 -25.94
N VAL C 26 2.55 -22.44 -25.11
CA VAL C 26 2.74 -21.00 -24.93
C VAL C 26 3.32 -20.43 -26.21
N GLN C 27 4.43 -21.01 -26.66
CA GLN C 27 5.12 -20.57 -27.86
C GLN C 27 4.16 -20.45 -29.04
N HIS C 28 3.24 -21.40 -29.14
CA HIS C 28 2.31 -21.46 -30.25
C HIS C 28 1.38 -20.24 -30.29
N ARG C 29 1.00 -19.76 -29.12
CA ARG C 29 0.01 -18.71 -28.99
C ARG C 29 0.67 -17.34 -29.07
N VAL C 30 1.92 -17.28 -28.63
CA VAL C 30 2.77 -16.11 -28.79
C VAL C 30 3.02 -15.86 -30.28
N LYS C 31 3.42 -14.64 -30.63
CA LYS C 31 3.80 -14.30 -32.00
C LYS C 31 5.25 -13.86 -32.12
N ASN C 32 5.77 -13.96 -33.35
CA ASN C 32 7.02 -13.29 -33.75
C ASN C 32 8.17 -13.33 -32.74
N HIS C 33 8.58 -12.16 -32.26
CA HIS C 33 9.82 -12.01 -31.52
C HIS C 33 9.78 -12.62 -30.13
N LEU C 34 8.58 -12.71 -29.55
CA LEU C 34 8.42 -13.26 -28.22
C LEU C 34 8.44 -14.78 -28.30
N ALA C 35 7.95 -15.32 -29.41
CA ALA C 35 7.96 -16.76 -29.64
C ALA C 35 9.41 -17.25 -29.63
N MET C 36 10.29 -16.40 -30.16
CA MET C 36 11.71 -16.69 -30.23
C MET C 36 12.33 -16.82 -28.84
N ILE C 37 11.85 -16.01 -27.90
CA ILE C 37 12.36 -16.05 -26.53
C ILE C 37 11.90 -17.33 -25.83
N VAL C 38 10.67 -17.76 -26.12
CA VAL C 38 10.15 -18.99 -25.55
C VAL C 38 10.98 -20.18 -26.02
N SER C 39 11.11 -20.32 -27.34
CA SER C 39 11.84 -21.43 -27.93
C SER C 39 13.28 -21.45 -27.41
N MET C 40 13.85 -20.27 -27.21
CA MET C 40 15.19 -20.17 -26.65
C MET C 40 15.21 -20.88 -25.29
N ILE C 41 14.15 -20.69 -24.52
CA ILE C 41 14.09 -21.22 -23.16
C ILE C 41 13.74 -22.70 -23.14
N ARG C 42 12.98 -23.15 -24.14
CA ARG C 42 12.71 -24.58 -24.29
C ARG C 42 14.03 -25.30 -24.55
N ILE C 43 14.82 -24.75 -25.47
CA ILE C 43 16.12 -25.30 -25.82
C ILE C 43 17.00 -25.47 -24.58
N GLN C 44 17.30 -24.36 -23.92
CA GLN C 44 18.19 -24.38 -22.76
C GLN C 44 17.68 -25.33 -21.68
N SER C 45 16.36 -25.49 -21.62
CA SER C 45 15.74 -26.36 -20.64
C SER C 45 16.09 -27.83 -20.93
N SER C 46 15.91 -28.23 -22.18
CA SER C 46 16.22 -29.59 -22.62
C SER C 46 17.61 -30.02 -22.17
N GLN C 47 18.60 -29.21 -22.50
CA GLN C 47 20.00 -29.48 -22.18
C GLN C 47 20.18 -29.92 -20.73
N ALA C 48 19.85 -29.04 -19.79
CA ALA C 48 19.87 -29.43 -18.37
C ALA C 48 18.73 -30.39 -18.10
N ASP C 56 19.77 -21.87 -12.57
CA ASP C 56 18.90 -21.24 -11.58
C ASP C 56 18.05 -20.15 -12.22
N SER C 57 18.67 -19.29 -13.02
CA SER C 57 17.92 -18.27 -13.74
C SER C 57 17.00 -18.90 -14.78
N LEU C 58 17.51 -19.91 -15.48
CA LEU C 58 16.69 -20.68 -16.41
C LEU C 58 15.43 -21.20 -15.71
N SER C 59 15.58 -21.64 -14.47
CA SER C 59 14.44 -22.15 -13.70
C SER C 59 13.38 -21.08 -13.50
N ARG C 60 13.80 -19.84 -13.29
CA ARG C 60 12.86 -18.73 -13.11
C ARG C 60 12.08 -18.47 -14.39
N ARG C 61 12.79 -18.40 -15.52
CA ARG C 61 12.16 -18.06 -16.78
C ARG C 61 11.14 -19.14 -17.19
N VAL C 62 11.44 -20.39 -16.86
CA VAL C 62 10.51 -21.48 -17.11
C VAL C 62 9.32 -21.39 -16.16
N GLU C 63 9.58 -21.17 -14.88
CA GLU C 63 8.52 -20.91 -13.91
C GLU C 63 7.57 -19.85 -14.44
N ALA C 64 8.15 -18.76 -14.93
CA ALA C 64 7.38 -17.62 -15.40
C ALA C 64 6.46 -18.01 -16.54
N LEU C 65 6.90 -18.98 -17.34
CA LEU C 65 6.14 -19.41 -18.50
C LEU C 65 5.11 -20.48 -18.13
N GLN C 66 5.49 -21.41 -17.26
CA GLN C 66 4.53 -22.39 -16.76
C GLN C 66 3.36 -21.69 -16.11
N LEU C 67 3.64 -20.61 -15.39
CA LEU C 67 2.61 -19.86 -14.69
C LEU C 67 1.67 -19.18 -15.68
N LEU C 68 2.21 -18.75 -16.81
CA LEU C 68 1.38 -18.14 -17.85
C LEU C 68 0.52 -19.20 -18.54
N TYR C 69 1.09 -20.39 -18.73
CA TYR C 69 0.34 -21.48 -19.33
C TYR C 69 -0.92 -21.72 -18.52
N GLN C 70 -0.77 -21.77 -17.20
CA GLN C 70 -1.89 -21.96 -16.29
C GLN C 70 -2.94 -20.86 -16.44
N GLU C 71 -2.50 -19.61 -16.51
CA GLU C 71 -3.44 -18.52 -16.69
C GLU C 71 -4.22 -18.69 -18.00
N MET C 72 -3.52 -19.10 -19.05
CA MET C 72 -4.15 -19.32 -20.35
C MET C 72 -5.13 -20.48 -20.28
N ASP C 73 -4.66 -21.58 -19.70
CA ASP C 73 -5.47 -22.77 -19.49
C ASP C 73 -6.80 -22.42 -18.80
N ILE C 74 -6.71 -21.68 -17.69
CA ILE C 74 -7.89 -21.23 -16.99
C ILE C 74 -8.75 -20.38 -17.91
N ALA C 75 -8.10 -19.50 -18.66
CA ALA C 75 -8.78 -18.40 -19.35
C ALA C 75 -9.56 -18.82 -20.60
N GLY C 76 -9.16 -19.93 -21.22
CA GLY C 76 -9.78 -20.37 -22.45
C GLY C 76 -9.14 -19.71 -23.66
N ALA C 77 -9.69 -19.98 -24.85
CA ALA C 77 -9.12 -19.47 -26.08
C ALA C 77 -9.73 -18.12 -26.46
N ALA C 78 -8.96 -17.32 -27.18
CA ALA C 78 -9.34 -15.95 -27.47
C ALA C 78 -8.40 -15.36 -28.50
N LYS C 79 -8.88 -14.33 -29.21
CA LYS C 79 -8.04 -13.59 -30.14
C LYS C 79 -6.81 -13.11 -29.39
N ALA C 80 -5.68 -13.05 -30.08
CA ALA C 80 -4.41 -12.69 -29.46
C ALA C 80 -4.50 -11.39 -28.68
N THR C 81 -5.42 -10.52 -29.09
CA THR C 81 -5.51 -9.18 -28.52
C THR C 81 -6.54 -9.06 -27.41
N ASP C 82 -7.40 -10.07 -27.27
CA ASP C 82 -8.39 -10.06 -26.19
C ASP C 82 -7.71 -10.07 -24.82
N LYS C 83 -8.18 -9.18 -23.95
CA LYS C 83 -7.63 -9.05 -22.60
C LYS C 83 -8.24 -10.13 -21.73
N ILE C 84 -7.51 -11.23 -21.53
CA ILE C 84 -8.04 -12.38 -20.80
C ILE C 84 -7.13 -12.90 -19.70
N ILE C 85 -5.96 -12.27 -19.53
CA ILE C 85 -5.02 -12.70 -18.49
C ILE C 85 -5.07 -11.77 -17.28
N PRO C 86 -5.38 -12.30 -16.09
CA PRO C 86 -5.34 -11.47 -14.90
C PRO C 86 -3.92 -11.20 -14.47
N LEU C 87 -3.38 -10.06 -14.91
CA LEU C 87 -1.99 -9.72 -14.71
C LEU C 87 -1.62 -9.67 -13.23
N GLY C 88 -2.52 -9.12 -12.42
CA GLY C 88 -2.29 -9.02 -10.99
C GLY C 88 -2.01 -10.37 -10.36
N ALA C 89 -2.91 -11.33 -10.60
CA ALA C 89 -2.75 -12.68 -10.08
C ALA C 89 -1.45 -13.30 -10.59
N TYR C 90 -1.22 -13.17 -11.88
CA TYR C 90 -0.05 -13.74 -12.54
C TYR C 90 1.27 -13.25 -11.92
N LEU C 91 1.41 -11.94 -11.75
CA LEU C 91 2.63 -11.39 -11.15
C LEU C 91 2.78 -11.77 -9.68
N GLY C 92 1.66 -11.83 -8.96
CA GLY C 92 1.68 -12.25 -7.58
C GLY C 92 2.30 -13.63 -7.43
N ARG C 93 2.09 -14.48 -8.43
CA ARG C 93 2.61 -15.83 -8.38
C ARG C 93 4.08 -15.90 -8.83
N ILE C 94 4.47 -15.07 -9.80
CA ILE C 94 5.89 -14.95 -10.15
C ILE C 94 6.64 -14.60 -8.87
N ALA C 95 6.21 -13.51 -8.24
CA ALA C 95 6.88 -12.98 -7.06
C ALA C 95 6.97 -13.99 -5.92
N SER C 96 5.86 -14.64 -5.59
CA SER C 96 5.84 -15.66 -4.54
C SER C 96 6.86 -16.76 -4.84
N ALA C 97 6.91 -17.16 -6.11
CA ALA C 97 7.83 -18.20 -6.54
C ALA C 97 9.28 -17.75 -6.36
N ILE C 98 9.61 -16.57 -6.90
CA ILE C 98 10.98 -16.06 -6.80
C ILE C 98 11.43 -16.02 -5.34
N ASN C 99 10.52 -15.58 -4.47
CA ASN C 99 10.87 -15.35 -3.06
C ASN C 99 10.93 -16.65 -2.27
N HIS C 100 10.16 -17.66 -2.68
CA HIS C 100 10.28 -18.97 -2.02
C HIS C 100 11.61 -19.60 -2.36
N ILE C 101 11.98 -19.59 -3.64
CA ILE C 101 13.21 -20.22 -4.09
C ILE C 101 14.45 -19.39 -3.74
N ASP C 102 14.45 -18.13 -4.15
CA ASP C 102 15.64 -17.28 -4.06
C ASP C 102 15.65 -16.34 -2.86
N GLY C 103 14.59 -16.38 -2.06
CA GLY C 103 14.51 -15.54 -0.88
C GLY C 103 15.51 -15.92 0.17
N ARG C 104 15.51 -15.18 1.28
CA ARG C 104 16.48 -15.39 2.33
C ARG C 104 16.02 -14.70 3.60
N GLY C 105 16.48 -15.21 4.74
CA GLY C 105 16.15 -14.63 6.03
C GLY C 105 16.44 -13.14 6.04
N ALA C 106 15.52 -12.37 6.61
CA ALA C 106 15.66 -10.94 6.80
C ALA C 106 15.61 -10.13 5.49
N ILE C 107 15.26 -10.79 4.38
CA ILE C 107 14.93 -10.06 3.15
C ILE C 107 13.41 -10.00 2.99
N LYS C 108 12.86 -8.80 3.14
CA LYS C 108 11.43 -8.60 3.00
C LYS C 108 11.06 -8.34 1.56
N VAL C 109 10.03 -9.04 1.08
CA VAL C 109 9.48 -8.82 -0.26
C VAL C 109 8.00 -8.47 -0.19
N ASN C 110 7.68 -7.20 -0.42
CA ASN C 110 6.29 -6.77 -0.52
C ASN C 110 5.80 -6.83 -1.96
N VAL C 111 4.50 -7.05 -2.12
CA VAL C 111 3.89 -7.17 -3.44
C VAL C 111 2.52 -6.50 -3.48
N GLN C 112 2.36 -5.54 -4.38
CA GLN C 112 1.09 -4.85 -4.56
C GLN C 112 0.82 -4.70 -6.05
N ALA C 113 0.01 -5.61 -6.59
CA ALA C 113 -0.39 -5.55 -8.00
C ALA C 113 -1.89 -5.22 -8.12
N ASP C 114 -2.21 -4.31 -9.02
CA ASP C 114 -3.60 -3.96 -9.29
C ASP C 114 -4.26 -5.04 -10.12
N THR C 115 -5.58 -5.14 -9.98
CA THR C 115 -6.36 -6.04 -10.83
C THR C 115 -6.57 -5.43 -12.20
N VAL C 116 -6.06 -6.09 -13.24
CA VAL C 116 -6.26 -5.64 -14.61
C VAL C 116 -6.05 -6.82 -15.54
N ASP C 117 -6.82 -6.87 -16.63
CA ASP C 117 -6.67 -7.92 -17.63
C ASP C 117 -5.87 -7.41 -18.84
N VAL C 118 -4.95 -8.24 -19.32
CA VAL C 118 -4.11 -7.89 -20.46
C VAL C 118 -4.16 -8.99 -21.52
N PRO C 119 -3.76 -8.66 -22.76
CA PRO C 119 -3.60 -9.71 -23.76
C PRO C 119 -2.52 -10.70 -23.34
N VAL C 120 -2.54 -11.90 -23.91
CA VAL C 120 -1.57 -12.92 -23.55
C VAL C 120 -0.13 -12.46 -23.77
N GLU C 121 0.15 -11.92 -24.95
CA GLU C 121 1.50 -11.46 -25.27
C GLU C 121 1.94 -10.41 -24.26
N THR C 122 1.01 -9.53 -23.88
CA THR C 122 1.29 -8.48 -22.91
C THR C 122 1.70 -9.08 -21.56
N ALA C 123 0.92 -10.03 -21.08
CA ALA C 123 1.21 -10.67 -19.79
C ALA C 123 2.57 -11.34 -19.80
N GLY C 124 2.87 -12.06 -20.87
CA GLY C 124 4.11 -12.82 -20.98
C GLY C 124 5.33 -11.94 -20.95
N ARG C 125 5.26 -10.78 -21.60
CA ARG C 125 6.38 -9.87 -21.62
C ARG C 125 6.62 -9.23 -20.25
N ILE C 126 5.53 -8.86 -19.57
CA ILE C 126 5.63 -8.25 -18.26
C ILE C 126 6.14 -9.26 -17.23
N GLY C 127 5.58 -10.46 -17.27
CA GLY C 127 5.97 -11.52 -16.38
C GLY C 127 7.45 -11.86 -16.46
N LEU C 128 7.95 -12.08 -17.68
CA LEU C 128 9.36 -12.36 -17.89
C LEU C 128 10.20 -11.18 -17.40
N LEU C 129 9.73 -9.98 -17.69
CA LEU C 129 10.43 -8.77 -17.32
C LEU C 129 10.51 -8.64 -15.80
N VAL C 130 9.38 -8.81 -15.13
CA VAL C 130 9.35 -8.82 -13.68
C VAL C 130 10.28 -9.90 -13.14
N SER C 131 10.19 -11.10 -13.70
CA SER C 131 11.03 -12.21 -13.26
C SER C 131 12.52 -11.87 -13.35
N GLU C 132 12.93 -11.22 -14.43
CA GLU C 132 14.33 -10.83 -14.61
C GLU C 132 14.79 -9.85 -13.52
N VAL C 133 14.06 -8.75 -13.40
CA VAL C 133 14.44 -7.67 -12.48
C VAL C 133 14.34 -8.12 -11.03
N LEU C 134 13.27 -8.83 -10.72
CA LEU C 134 13.01 -9.25 -9.35
C LEU C 134 14.00 -10.32 -8.89
N THR C 135 14.43 -11.17 -9.82
CA THR C 135 15.47 -12.16 -9.51
C THR C 135 16.81 -11.46 -9.29
N ASN C 136 17.07 -10.41 -10.08
CA ASN C 136 18.30 -9.64 -9.91
C ASN C 136 18.38 -9.05 -8.51
N ALA C 137 17.25 -8.58 -8.01
CA ALA C 137 17.21 -7.97 -6.69
C ALA C 137 17.69 -8.98 -5.65
N LEU C 138 17.09 -10.17 -5.61
CA LEU C 138 17.46 -11.16 -4.61
C LEU C 138 18.84 -11.77 -4.86
N GLN C 139 19.14 -12.08 -6.12
CA GLN C 139 20.46 -12.61 -6.48
C GLN C 139 21.60 -11.67 -6.10
N HIS C 140 21.46 -10.39 -6.46
CA HIS C 140 22.60 -9.47 -6.49
C HIS C 140 22.60 -8.35 -5.45
N ALA C 141 21.42 -7.88 -5.05
CA ALA C 141 21.34 -6.64 -4.28
C ALA C 141 21.87 -6.75 -2.85
N PHE C 142 21.88 -7.95 -2.30
CA PHE C 142 22.17 -8.12 -0.87
C PHE C 142 23.35 -9.06 -0.61
N SER C 143 24.27 -9.08 -1.58
CA SER C 143 25.51 -9.84 -1.49
C SER C 143 26.26 -9.60 -0.17
N ASP C 144 26.26 -8.36 0.29
CA ASP C 144 27.04 -7.96 1.45
C ASP C 144 26.15 -7.35 2.52
N ARG C 145 24.90 -7.82 2.60
CA ARG C 145 23.90 -7.21 3.46
C ARG C 145 23.20 -8.26 4.32
N ALA C 146 23.09 -7.99 5.62
CA ALA C 146 22.34 -8.86 6.51
C ALA C 146 20.85 -8.80 6.21
N SER C 147 20.32 -7.58 6.11
CA SER C 147 18.91 -7.38 5.79
C SER C 147 18.71 -6.54 4.53
N GLY C 148 17.51 -6.61 3.98
CA GLY C 148 17.18 -5.89 2.77
C GLY C 148 15.68 -5.87 2.54
N VAL C 149 15.24 -4.97 1.67
CA VAL C 149 13.84 -4.90 1.27
C VAL C 149 13.74 -4.88 -0.24
N VAL C 150 12.72 -5.55 -0.76
CA VAL C 150 12.40 -5.50 -2.17
C VAL C 150 10.89 -5.28 -2.29
N GLN C 151 10.48 -4.32 -3.10
CA GLN C 151 9.06 -4.10 -3.33
C GLN C 151 8.74 -4.21 -4.80
N LEU C 152 7.74 -5.02 -5.12
CA LEU C 152 7.20 -5.09 -6.45
C LEU C 152 5.86 -4.38 -6.43
N ARG C 153 5.67 -3.48 -7.39
CA ARG C 153 4.44 -2.72 -7.49
C ARG C 153 4.01 -2.69 -8.95
N SER C 154 2.71 -2.84 -9.17
CA SER C 154 2.15 -2.82 -10.51
C SER C 154 0.87 -2.00 -10.44
N SER C 155 0.94 -0.75 -10.86
CA SER C 155 -0.14 0.22 -10.63
C SER C 155 -0.71 0.75 -11.93
N VAL C 156 -2.03 0.62 -12.08
CA VAL C 156 -2.71 1.27 -13.18
C VAL C 156 -2.93 2.72 -12.83
N MET C 157 -2.50 3.60 -13.73
CA MET C 157 -2.64 5.04 -13.53
C MET C 157 -3.58 5.58 -14.61
N SER C 158 -3.47 6.87 -14.96
CA SER C 158 -4.43 7.45 -15.87
C SER C 158 -4.06 7.16 -17.32
N GLY C 159 -5.07 7.06 -18.17
CA GLY C 159 -4.87 6.75 -19.58
C GLY C 159 -4.37 5.33 -19.83
N GLU C 160 -4.74 4.40 -18.97
CA GLU C 160 -4.34 3.00 -19.10
C GLU C 160 -2.82 2.80 -19.05
N GLN C 161 -2.10 3.78 -18.52
CA GLN C 161 -0.67 3.62 -18.28
C GLN C 161 -0.46 2.70 -17.08
N LEU C 162 0.24 1.59 -17.29
CA LEU C 162 0.58 0.67 -16.22
C LEU C 162 2.03 0.90 -15.80
N ARG C 163 2.26 1.22 -14.53
CA ARG C 163 3.62 1.41 -14.03
C ARG C 163 4.04 0.27 -13.12
N VAL C 164 4.95 -0.55 -13.64
CA VAL C 164 5.55 -1.64 -12.87
C VAL C 164 6.85 -1.15 -12.22
N THR C 165 7.01 -1.46 -10.94
CA THR C 165 8.16 -0.99 -10.18
C THR C 165 8.76 -2.13 -9.37
N VAL C 166 10.07 -2.31 -9.50
CA VAL C 166 10.80 -3.22 -8.63
C VAL C 166 11.92 -2.41 -7.98
N GLU C 167 11.81 -2.20 -6.67
CA GLU C 167 12.75 -1.36 -5.96
C GLU C 167 13.32 -2.13 -4.79
N ASP C 168 14.61 -1.96 -4.56
CA ASP C 168 15.27 -2.55 -3.41
C ASP C 168 16.10 -1.49 -2.70
N ASP C 169 16.59 -1.82 -1.50
CA ASP C 169 17.44 -0.92 -0.74
C ASP C 169 18.84 -1.51 -0.61
N GLY C 170 19.25 -2.26 -1.62
CA GLY C 170 20.51 -3.00 -1.58
C GLY C 170 21.75 -2.20 -1.90
N ARG C 171 22.79 -2.91 -2.33
CA ARG C 171 24.10 -2.33 -2.58
C ARG C 171 24.09 -1.49 -3.85
N GLY C 172 23.07 -1.68 -4.68
CA GLY C 172 22.95 -0.95 -5.91
C GLY C 172 23.81 -1.55 -7.01
N ILE C 173 23.32 -1.44 -8.24
CA ILE C 173 24.11 -1.86 -9.40
C ILE C 173 25.45 -1.12 -9.37
N PRO C 174 26.51 -1.74 -9.91
CA PRO C 174 27.75 -0.95 -9.99
C PRO C 174 27.72 0.06 -11.13
N GLU C 175 28.51 1.12 -11.02
CA GLU C 175 28.43 2.26 -11.94
C GLU C 175 28.91 1.88 -13.33
N ASP C 176 29.97 1.07 -13.39
CA ASP C 176 30.54 0.67 -14.67
C ASP C 176 29.63 -0.30 -15.42
N CYS C 177 28.53 -0.70 -14.79
CA CYS C 177 27.49 -1.47 -15.46
C CYS C 177 26.28 -0.56 -15.72
N ASP C 178 26.07 -0.23 -16.98
CA ASP C 178 24.92 0.59 -17.37
C ASP C 178 23.75 -0.32 -17.70
N TRP C 179 23.26 -1.03 -16.69
CA TRP C 179 22.14 -1.93 -16.86
C TRP C 179 20.91 -1.13 -17.26
N PRO C 180 20.08 -1.65 -18.19
CA PRO C 180 20.15 -2.93 -18.90
C PRO C 180 20.86 -2.90 -20.25
N ASN C 181 21.52 -1.80 -20.60
CA ASN C 181 22.23 -1.75 -21.87
C ASN C 181 23.42 -2.71 -21.85
N GLU C 182 24.26 -2.56 -20.84
CA GLU C 182 25.31 -3.52 -20.56
C GLU C 182 24.72 -4.59 -19.64
N GLY C 183 25.52 -5.60 -19.30
CA GLY C 183 25.04 -6.72 -18.51
C GLY C 183 24.94 -8.00 -19.33
N ASN C 184 24.34 -9.03 -18.75
CA ASN C 184 24.29 -10.36 -19.37
C ASN C 184 22.98 -10.64 -20.10
N LEU C 185 22.64 -11.93 -20.22
CA LEU C 185 21.44 -12.36 -20.92
C LEU C 185 20.19 -11.74 -20.31
N GLY C 186 20.19 -11.61 -18.98
CA GLY C 186 19.08 -10.98 -18.29
C GLY C 186 18.78 -9.63 -18.89
N SER C 187 19.82 -8.82 -19.05
CA SER C 187 19.70 -7.48 -19.62
C SER C 187 19.19 -7.51 -21.06
N ARG C 188 19.67 -8.46 -21.87
CA ARG C 188 19.26 -8.55 -23.26
C ARG C 188 17.79 -8.96 -23.40
N ILE C 189 17.32 -9.85 -22.52
CA ILE C 189 15.92 -10.22 -22.50
C ILE C 189 15.06 -9.02 -22.12
N VAL C 190 15.55 -8.24 -21.16
CA VAL C 190 14.82 -7.08 -20.65
C VAL C 190 14.60 -6.03 -21.75
N ARG C 191 15.68 -5.69 -22.46
CA ARG C 191 15.58 -4.65 -23.48
C ARG C 191 14.62 -5.03 -24.60
N GLN C 192 14.62 -6.31 -24.98
CA GLN C 192 13.77 -6.76 -26.07
C GLN C 192 12.30 -6.67 -25.66
N LEU C 193 11.99 -7.14 -24.45
CA LEU C 193 10.62 -7.17 -23.95
C LEU C 193 10.03 -5.79 -23.76
N VAL C 194 10.85 -4.85 -23.28
CA VAL C 194 10.43 -3.47 -23.11
C VAL C 194 10.00 -2.88 -24.45
N GLN C 195 10.80 -3.12 -25.47
CA GLN C 195 10.50 -2.64 -26.81
C GLN C 195 9.21 -3.27 -27.32
N GLY C 196 9.04 -4.57 -27.05
CA GLY C 196 7.86 -5.29 -27.46
C GLY C 196 6.60 -4.81 -26.75
N LEU C 197 6.78 -4.23 -25.56
CA LEU C 197 5.65 -3.71 -24.80
C LEU C 197 5.26 -2.31 -25.25
N GLY C 198 6.17 -1.64 -25.97
CA GLY C 198 5.95 -0.27 -26.39
C GLY C 198 6.17 0.66 -25.21
N ALA C 199 7.14 0.30 -24.38
CA ALA C 199 7.24 0.84 -23.04
C ALA C 199 8.51 1.64 -22.80
N GLU C 200 8.60 2.23 -21.62
CA GLU C 200 9.76 3.00 -21.20
C GLU C 200 10.28 2.41 -19.91
N LEU C 201 11.59 2.16 -19.85
CA LEU C 201 12.22 1.66 -18.64
C LEU C 201 13.22 2.67 -18.11
N ASN C 202 13.21 2.88 -16.79
CA ASN C 202 14.18 3.74 -16.14
C ASN C 202 14.84 2.99 -14.99
N VAL C 203 16.08 3.33 -14.69
CA VAL C 203 16.80 2.70 -13.59
C VAL C 203 17.55 3.76 -12.81
N THR C 204 17.35 3.74 -11.49
CA THR C 204 18.10 4.59 -10.59
C THR C 204 18.98 3.71 -9.71
N ARG C 205 20.20 4.18 -9.46
CA ARG C 205 21.24 3.33 -8.88
C ARG C 205 21.96 4.08 -7.75
N GLY C 206 22.60 3.31 -6.86
CA GLY C 206 23.34 3.89 -5.74
C GLY C 206 23.40 2.96 -4.55
N GLY C 207 24.19 3.34 -3.54
CA GLY C 207 24.38 2.51 -2.36
C GLY C 207 23.13 2.39 -1.49
N THR C 208 22.12 3.19 -1.79
CA THR C 208 20.85 3.12 -1.08
C THR C 208 19.86 2.24 -1.82
N GLY C 209 20.30 1.63 -2.92
CA GLY C 209 19.50 0.65 -3.65
C GLY C 209 19.34 0.89 -5.14
N THR C 210 18.49 0.07 -5.74
CA THR C 210 18.21 0.12 -7.18
C THR C 210 16.71 0.18 -7.37
N ILE C 211 16.25 1.16 -8.15
CA ILE C 211 14.84 1.32 -8.45
C ILE C 211 14.61 1.19 -9.95
N VAL C 212 13.79 0.22 -10.34
CA VAL C 212 13.46 0.02 -11.75
C VAL C 212 11.99 0.33 -11.98
N ASN C 213 11.72 1.33 -12.82
CA ASN C 213 10.37 1.69 -13.20
C ASN C 213 10.13 1.41 -14.67
N ILE C 214 8.98 0.82 -14.98
CA ILE C 214 8.62 0.54 -16.36
C ILE C 214 7.20 1.01 -16.62
N ASP C 215 7.05 1.95 -17.54
CA ASP C 215 5.74 2.49 -17.91
C ASP C 215 5.23 1.83 -19.18
N ILE C 216 4.06 1.19 -19.07
CA ILE C 216 3.48 0.39 -20.15
C ILE C 216 2.21 1.05 -20.69
N PRO C 217 2.12 1.28 -22.01
CA PRO C 217 0.84 1.74 -22.56
C PRO C 217 -0.10 0.58 -22.86
N LEU C 218 -1.06 0.33 -21.99
CA LEU C 218 -1.96 -0.82 -22.15
C LEU C 218 -2.97 -0.61 -23.27
N SER C 219 -3.24 0.65 -23.58
CA SER C 219 -4.20 0.98 -24.63
C SER C 219 -3.56 0.95 -26.01
N GLN C 220 -2.28 0.59 -26.08
CA GLN C 220 -1.58 0.46 -27.34
C GLN C 220 -1.28 -1.00 -27.66
N GLN C 221 -1.71 -1.90 -26.76
CA GLN C 221 -1.37 -3.31 -26.89
C GLN C 221 -2.10 -4.02 -28.04
N LYS C 222 -3.37 -3.67 -28.29
CA LYS C 222 -4.10 -4.28 -29.39
C LYS C 222 -3.38 -4.02 -30.70
N THR C 223 -2.98 -2.77 -30.91
CA THR C 223 -2.22 -2.36 -32.09
C THR C 223 -0.88 -3.08 -32.20
N LEU C 224 -0.08 -3.00 -31.15
CA LEU C 224 1.28 -3.57 -31.15
C LEU C 224 1.29 -5.05 -31.52
N ILE C 225 0.19 -5.74 -31.26
CA ILE C 225 0.12 -7.18 -31.51
C ILE C 225 -0.24 -7.46 -32.97
N ALA C 226 -1.13 -6.64 -33.52
CA ALA C 226 -1.45 -6.70 -34.94
C ALA C 226 -0.39 -5.97 -35.76
N PRO D 13 17.03 -38.83 5.56
CA PRO D 13 16.61 -39.08 6.95
C PRO D 13 17.49 -38.34 7.96
N ASP D 14 18.75 -38.06 7.61
CA ASP D 14 19.56 -37.16 8.42
C ASP D 14 18.92 -35.78 8.24
N ARG D 15 18.28 -35.63 7.08
CA ARG D 15 17.38 -34.52 6.80
C ARG D 15 16.29 -34.39 7.84
N ALA D 16 15.66 -35.51 8.19
CA ALA D 16 14.63 -35.53 9.21
C ALA D 16 15.19 -35.04 10.53
N THR D 17 16.38 -35.51 10.86
CA THR D 17 17.03 -35.14 12.11
C THR D 17 17.33 -33.64 12.16
N GLU D 18 17.79 -33.10 11.03
CA GLU D 18 18.14 -31.69 10.97
C GLU D 18 16.89 -30.82 11.11
N LEU D 19 15.83 -31.19 10.41
CA LEU D 19 14.55 -30.49 10.51
C LEU D 19 14.11 -30.42 11.97
N ASP D 20 14.17 -31.55 12.66
CA ASP D 20 13.70 -31.60 14.04
C ASP D 20 14.60 -30.81 14.97
N ARG D 21 15.90 -30.78 14.68
CA ARG D 21 16.83 -30.01 15.49
C ARG D 21 16.43 -28.53 15.44
N GLN D 22 16.10 -28.05 14.25
CA GLN D 22 15.71 -26.66 14.05
C GLN D 22 14.43 -26.33 14.81
N LEU D 23 13.43 -27.20 14.69
CA LEU D 23 12.17 -27.01 15.41
C LEU D 23 12.43 -27.02 16.92
N ALA D 24 13.41 -27.81 17.35
CA ALA D 24 13.77 -27.89 18.75
C ALA D 24 14.48 -26.62 19.23
N GLU D 25 15.27 -26.02 18.35
CA GLU D 25 15.97 -24.77 18.68
C GLU D 25 14.94 -23.67 18.91
N VAL D 26 13.91 -23.66 18.08
CA VAL D 26 12.81 -22.73 18.22
C VAL D 26 12.12 -22.98 19.56
N GLN D 27 11.84 -24.26 19.82
CA GLN D 27 11.15 -24.65 21.03
C GLN D 27 11.90 -24.24 22.30
N HIS D 28 13.21 -24.36 22.27
CA HIS D 28 14.01 -24.07 23.47
C HIS D 28 14.16 -22.57 23.69
N ARG D 29 13.88 -21.78 22.65
CA ARG D 29 13.93 -20.32 22.75
C ARG D 29 12.54 -19.73 23.01
N VAL D 30 11.60 -20.58 23.44
CA VAL D 30 10.24 -20.14 23.71
C VAL D 30 9.68 -20.81 24.97
N LYS D 31 8.72 -20.15 25.61
CA LYS D 31 8.12 -20.65 26.85
C LYS D 31 6.66 -21.10 26.67
N ASN D 32 6.13 -21.71 27.74
CA ASN D 32 4.69 -21.90 27.93
C ASN D 32 3.94 -22.59 26.79
N HIS D 33 2.86 -21.98 26.30
CA HIS D 33 1.93 -22.64 25.41
C HIS D 33 2.47 -22.72 24.00
N LEU D 34 3.32 -21.76 23.65
CA LEU D 34 3.91 -21.74 22.33
C LEU D 34 4.92 -22.87 22.19
N ALA D 35 5.73 -23.08 23.21
CA ALA D 35 6.65 -24.20 23.23
C ALA D 35 5.87 -25.51 23.14
N MET D 36 4.70 -25.55 23.75
CA MET D 36 3.82 -26.71 23.67
C MET D 36 3.37 -26.95 22.23
N ILE D 37 2.93 -25.88 21.55
CA ILE D 37 2.50 -25.97 20.16
C ILE D 37 3.62 -26.47 19.24
N VAL D 38 4.85 -26.02 19.48
CA VAL D 38 5.97 -26.43 18.66
C VAL D 38 6.25 -27.92 18.87
N SER D 39 6.23 -28.35 20.12
CA SER D 39 6.44 -29.75 20.44
C SER D 39 5.40 -30.62 19.74
N MET D 40 4.16 -30.15 19.71
CA MET D 40 3.09 -30.86 19.00
C MET D 40 3.44 -31.06 17.53
N ILE D 41 3.89 -29.99 16.89
CA ILE D 41 4.19 -30.03 15.46
C ILE D 41 5.37 -30.96 15.19
N ARG D 42 6.33 -30.98 16.10
CA ARG D 42 7.45 -31.90 16.01
C ARG D 42 7.00 -33.35 16.07
N ILE D 43 6.11 -33.68 17.00
CA ILE D 43 5.61 -35.04 17.11
C ILE D 43 4.86 -35.39 15.84
N GLN D 44 3.91 -34.55 15.46
CA GLN D 44 3.12 -34.77 14.27
C GLN D 44 4.00 -34.96 13.03
N SER D 45 4.99 -34.09 12.87
CA SER D 45 5.90 -34.19 11.74
C SER D 45 6.63 -35.53 11.73
N SER D 46 7.15 -35.96 12.87
CA SER D 46 7.93 -37.19 12.94
C SER D 46 7.07 -38.42 12.63
N GLN D 47 5.80 -38.39 13.03
CA GLN D 47 4.89 -39.50 12.75
C GLN D 47 4.49 -39.54 11.29
N ALA D 48 4.29 -38.37 10.70
CA ALA D 48 3.96 -38.28 9.29
C ALA D 48 5.13 -38.84 8.48
N GLY D 49 6.34 -38.65 9.01
CA GLY D 49 7.55 -39.15 8.37
C GLY D 49 7.73 -40.63 8.58
N GLY D 50 7.54 -41.08 9.82
CA GLY D 50 7.77 -42.46 10.18
C GLY D 50 6.71 -43.42 9.66
N VAL D 51 5.44 -43.04 9.78
CA VAL D 51 4.34 -43.95 9.48
C VAL D 51 3.32 -43.37 8.52
N GLY D 52 2.67 -42.27 8.91
CA GLY D 52 1.66 -41.64 8.09
C GLY D 52 2.24 -40.98 6.85
N SER D 53 1.67 -39.84 6.45
CA SER D 53 2.14 -39.12 5.28
C SER D 53 2.02 -37.62 5.47
N GLN D 54 2.77 -36.86 4.68
CA GLN D 54 2.76 -35.41 4.76
C GLN D 54 1.39 -34.86 4.34
N PHE D 55 0.89 -33.87 5.07
CA PHE D 55 -0.31 -33.15 4.64
C PHE D 55 -0.19 -31.63 4.83
N ASP D 56 -0.99 -30.91 4.04
CA ASP D 56 -0.87 -29.47 3.83
C ASP D 56 -0.57 -28.64 5.09
N SER D 57 -1.52 -28.61 6.03
CA SER D 57 -1.40 -27.71 7.18
C SER D 57 -0.20 -28.01 8.04
N LEU D 58 0.12 -29.30 8.20
CA LEU D 58 1.29 -29.68 8.98
C LEU D 58 2.55 -29.11 8.34
N SER D 59 2.68 -29.28 7.03
CA SER D 59 3.82 -28.73 6.28
C SER D 59 3.88 -27.20 6.36
N ARG D 60 2.74 -26.53 6.26
CA ARG D 60 2.71 -25.08 6.40
C ARG D 60 3.21 -24.68 7.78
N ARG D 61 2.78 -25.41 8.80
CA ARG D 61 3.14 -25.11 10.17
C ARG D 61 4.63 -25.37 10.39
N VAL D 62 5.12 -26.46 9.81
CA VAL D 62 6.54 -26.79 9.91
C VAL D 62 7.35 -25.71 9.19
N GLU D 63 6.95 -25.37 7.98
CA GLU D 63 7.67 -24.37 7.21
C GLU D 63 7.71 -23.02 7.94
N ALA D 64 6.57 -22.62 8.50
CA ALA D 64 6.50 -21.39 9.29
C ALA D 64 7.58 -21.35 10.37
N LEU D 65 7.78 -22.48 11.04
CA LEU D 65 8.77 -22.58 12.10
C LEU D 65 10.20 -22.63 11.55
N GLN D 66 10.40 -23.31 10.42
CA GLN D 66 11.71 -23.35 9.80
C GLN D 66 12.14 -21.95 9.40
N LEU D 67 11.20 -21.17 8.88
CA LEU D 67 11.48 -19.79 8.51
C LEU D 67 11.85 -18.97 9.74
N LEU D 68 11.22 -19.28 10.87
CA LEU D 68 11.55 -18.58 12.10
C LEU D 68 12.95 -18.95 12.59
N TYR D 69 13.32 -20.23 12.44
CA TYR D 69 14.66 -20.67 12.81
C TYR D 69 15.70 -19.89 12.04
N GLN D 70 15.44 -19.68 10.75
CA GLN D 70 16.36 -18.97 9.88
C GLN D 70 16.57 -17.53 10.32
N GLU D 71 15.52 -16.89 10.82
CA GLU D 71 15.63 -15.51 11.28
C GLU D 71 16.42 -15.48 12.58
N MET D 72 16.15 -16.45 13.45
CA MET D 72 16.86 -16.55 14.72
C MET D 72 18.34 -16.81 14.49
N ASP D 73 18.62 -17.58 13.45
CA ASP D 73 20.00 -17.95 13.11
C ASP D 73 20.76 -16.69 12.77
N ILE D 74 20.17 -15.88 11.90
CA ILE D 74 20.73 -14.60 11.48
C ILE D 74 20.79 -13.59 12.63
N ALA D 75 19.72 -13.53 13.42
CA ALA D 75 19.62 -12.54 14.48
C ALA D 75 20.57 -12.80 15.65
N GLY D 76 21.03 -14.04 15.77
CA GLY D 76 21.87 -14.42 16.90
C GLY D 76 21.04 -14.66 18.15
N ALA D 77 21.67 -14.55 19.31
CA ALA D 77 21.00 -14.81 20.59
C ALA D 77 20.83 -13.53 21.39
N ALA D 78 19.83 -13.53 22.28
CA ALA D 78 19.44 -12.32 23.00
C ALA D 78 18.50 -12.68 24.14
N LYS D 79 18.19 -11.69 24.99
CA LYS D 79 17.14 -11.85 25.98
C LYS D 79 15.85 -12.22 25.26
N ALA D 80 14.98 -12.95 25.93
CA ALA D 80 13.69 -13.32 25.34
C ALA D 80 12.91 -12.09 24.92
N THR D 81 13.14 -10.98 25.62
CA THR D 81 12.37 -9.76 25.39
C THR D 81 12.98 -8.85 24.32
N ASP D 82 14.17 -9.18 23.86
CA ASP D 82 14.87 -8.36 22.86
C ASP D 82 14.21 -8.44 21.49
N LYS D 83 13.94 -7.26 20.92
CA LYS D 83 13.34 -7.16 19.59
C LYS D 83 14.39 -7.40 18.51
N ILE D 84 14.50 -8.64 18.04
CA ILE D 84 15.57 -9.03 17.13
C ILE D 84 15.08 -9.63 15.80
N ILE D 85 13.80 -9.97 15.73
CA ILE D 85 13.24 -10.58 14.54
C ILE D 85 12.57 -9.55 13.63
N PRO D 86 13.04 -9.43 12.37
CA PRO D 86 12.34 -8.59 11.40
C PRO D 86 11.03 -9.21 10.95
N LEU D 87 9.94 -8.79 11.59
CA LEU D 87 8.63 -9.40 11.38
C LEU D 87 8.17 -9.32 9.94
N GLY D 88 8.35 -8.15 9.32
CA GLY D 88 7.97 -7.94 7.93
C GLY D 88 8.62 -8.92 6.97
N ALA D 89 9.93 -9.05 7.05
CA ALA D 89 10.65 -10.00 6.20
C ALA D 89 10.09 -11.38 6.42
N TYR D 90 9.94 -11.75 7.68
CA TYR D 90 9.45 -13.06 8.08
C TYR D 90 8.04 -13.35 7.56
N LEU D 91 7.13 -12.37 7.69
CA LEU D 91 5.77 -12.57 7.21
C LEU D 91 5.77 -12.67 5.69
N GLY D 92 6.64 -11.90 5.05
CA GLY D 92 6.76 -11.92 3.61
C GLY D 92 7.10 -13.30 3.09
N ARG D 93 7.95 -14.01 3.83
CA ARG D 93 8.41 -15.32 3.38
C ARG D 93 7.35 -16.41 3.64
N ILE D 94 6.62 -16.29 4.73
CA ILE D 94 5.51 -17.20 4.99
C ILE D 94 4.49 -17.08 3.86
N ALA D 95 4.12 -15.86 3.54
CA ALA D 95 3.12 -15.59 2.51
C ALA D 95 3.56 -16.13 1.16
N SER D 96 4.81 -15.85 0.78
CA SER D 96 5.35 -16.33 -0.48
C SER D 96 5.33 -17.85 -0.55
N ALA D 97 5.73 -18.50 0.53
CA ALA D 97 5.77 -19.95 0.58
C ALA D 97 4.37 -20.51 0.41
N ILE D 98 3.39 -19.87 1.04
CA ILE D 98 2.03 -20.37 1.02
C ILE D 98 1.40 -20.21 -0.36
N ASN D 99 1.63 -19.06 -1.00
CA ASN D 99 1.09 -18.83 -2.34
C ASN D 99 1.78 -19.71 -3.38
N HIS D 100 3.03 -20.08 -3.12
CA HIS D 100 3.73 -20.93 -4.06
C HIS D 100 3.19 -22.36 -4.01
N ILE D 101 3.02 -22.88 -2.80
CA ILE D 101 2.51 -24.24 -2.63
C ILE D 101 1.01 -24.33 -2.91
N ASP D 102 0.24 -23.43 -2.31
CA ASP D 102 -1.22 -23.54 -2.32
C ASP D 102 -1.91 -22.50 -3.19
N GLY D 103 -1.14 -21.74 -3.97
CA GLY D 103 -1.72 -20.78 -4.88
C GLY D 103 -2.35 -21.46 -6.07
N ARG D 104 -2.90 -20.66 -6.98
CA ARG D 104 -3.63 -21.20 -8.11
C ARG D 104 -3.81 -20.12 -9.17
N GLY D 105 -4.03 -20.54 -10.41
CA GLY D 105 -4.28 -19.61 -11.50
C GLY D 105 -5.40 -18.65 -11.15
N ALA D 106 -5.19 -17.38 -11.46
CA ALA D 106 -6.21 -16.34 -11.27
C ALA D 106 -6.52 -16.03 -9.79
N ILE D 107 -5.66 -16.49 -8.89
CA ILE D 107 -5.75 -16.10 -7.49
C ILE D 107 -4.60 -15.13 -7.19
N LYS D 108 -4.96 -13.87 -6.96
CA LYS D 108 -3.97 -12.84 -6.65
C LYS D 108 -3.76 -12.75 -5.14
N VAL D 109 -2.49 -12.85 -4.74
CA VAL D 109 -2.12 -12.66 -3.34
C VAL D 109 -1.19 -11.45 -3.20
N ASN D 110 -1.70 -10.38 -2.59
CA ASN D 110 -0.90 -9.20 -2.30
C ASN D 110 -0.34 -9.26 -0.88
N VAL D 111 0.83 -8.65 -0.68
CA VAL D 111 1.51 -8.67 0.62
C VAL D 111 2.09 -7.30 0.90
N GLN D 112 1.65 -6.69 2.00
CA GLN D 112 2.18 -5.41 2.43
C GLN D 112 2.50 -5.49 3.92
N ALA D 113 3.78 -5.68 4.23
CA ALA D 113 4.19 -5.83 5.62
C ALA D 113 5.12 -4.69 6.02
N ASP D 114 4.85 -4.10 7.17
CA ASP D 114 5.66 -3.01 7.70
C ASP D 114 6.96 -3.56 8.28
N THR D 115 8.00 -2.74 8.24
CA THR D 115 9.28 -3.10 8.80
C THR D 115 9.25 -2.83 10.29
N VAL D 116 9.40 -3.89 11.07
CA VAL D 116 9.36 -3.78 12.52
C VAL D 116 10.03 -4.98 13.18
N ASP D 117 10.87 -4.70 14.17
CA ASP D 117 11.55 -5.75 14.91
C ASP D 117 10.73 -6.17 16.13
N VAL D 118 10.65 -7.47 16.37
CA VAL D 118 9.91 -7.99 17.51
C VAL D 118 10.67 -9.11 18.22
N PRO D 119 10.26 -9.43 19.45
CA PRO D 119 10.86 -10.58 20.15
C PRO D 119 10.54 -11.90 19.45
N VAL D 120 11.36 -12.92 19.71
CA VAL D 120 11.18 -14.23 19.11
C VAL D 120 9.78 -14.80 19.37
N GLU D 121 9.37 -14.82 20.64
CA GLU D 121 8.06 -15.37 21.01
C GLU D 121 6.94 -14.67 20.25
N THR D 122 7.05 -13.34 20.12
CA THR D 122 6.05 -12.55 19.39
C THR D 122 6.01 -12.95 17.91
N ALA D 123 7.17 -13.04 17.27
CA ALA D 123 7.24 -13.37 15.86
C ALA D 123 6.64 -14.74 15.61
N GLY D 124 6.98 -15.69 16.49
CA GLY D 124 6.50 -17.05 16.37
C GLY D 124 4.98 -17.12 16.42
N ARG D 125 4.39 -16.37 17.35
CA ARG D 125 2.93 -16.37 17.47
C ARG D 125 2.26 -15.74 16.25
N ILE D 126 2.82 -14.64 15.76
CA ILE D 126 2.26 -13.96 14.60
C ILE D 126 2.46 -14.77 13.31
N GLY D 127 3.60 -15.43 13.19
CA GLY D 127 3.89 -16.25 12.03
C GLY D 127 2.90 -17.39 11.86
N LEU D 128 2.69 -18.15 12.92
CA LEU D 128 1.76 -19.27 12.88
C LEU D 128 0.34 -18.79 12.66
N LEU D 129 0.01 -17.68 13.30
CA LEU D 129 -1.29 -17.07 13.18
C LEU D 129 -1.58 -16.69 11.72
N VAL D 130 -0.64 -15.98 11.10
CA VAL D 130 -0.80 -15.57 9.70
C VAL D 130 -0.82 -16.78 8.80
N SER D 131 0.01 -17.77 9.09
CA SER D 131 0.04 -18.99 8.31
C SER D 131 -1.31 -19.71 8.39
N GLU D 132 -1.89 -19.77 9.58
CA GLU D 132 -3.20 -20.40 9.75
C GLU D 132 -4.30 -19.70 8.97
N VAL D 133 -4.31 -18.38 9.01
CA VAL D 133 -5.38 -17.61 8.39
C VAL D 133 -5.18 -17.48 6.89
N LEU D 134 -3.94 -17.24 6.48
CA LEU D 134 -3.63 -17.12 5.06
C LEU D 134 -3.82 -18.46 4.36
N THR D 135 -3.38 -19.54 5.01
CA THR D 135 -3.58 -20.89 4.48
C THR D 135 -5.07 -21.19 4.32
N ASN D 136 -5.88 -20.77 5.29
CA ASN D 136 -7.32 -20.95 5.22
C ASN D 136 -7.92 -20.32 3.98
N ALA D 137 -7.53 -19.08 3.69
CA ALA D 137 -8.04 -18.36 2.53
C ALA D 137 -7.79 -19.12 1.23
N LEU D 138 -6.55 -19.55 1.00
CA LEU D 138 -6.22 -20.28 -0.21
C LEU D 138 -6.84 -21.68 -0.22
N GLN D 139 -6.93 -22.31 0.94
CA GLN D 139 -7.56 -23.63 1.05
C GLN D 139 -9.07 -23.59 0.78
N HIS D 140 -9.77 -22.62 1.38
CA HIS D 140 -11.24 -22.69 1.51
C HIS D 140 -12.03 -21.63 0.75
N ALA D 141 -11.47 -20.44 0.57
CA ALA D 141 -12.26 -19.30 0.10
C ALA D 141 -12.68 -19.40 -1.35
N PHE D 142 -11.91 -20.13 -2.17
CA PHE D 142 -12.12 -20.14 -3.61
C PHE D 142 -12.44 -21.53 -4.13
N SER D 143 -13.07 -22.34 -3.28
CA SER D 143 -13.56 -23.67 -3.67
C SER D 143 -14.34 -23.63 -4.98
N ASP D 144 -15.32 -22.74 -5.04
CA ASP D 144 -16.24 -22.66 -6.17
C ASP D 144 -15.98 -21.44 -7.06
N ARG D 145 -14.75 -20.93 -7.05
CA ARG D 145 -14.43 -19.69 -7.75
C ARG D 145 -13.36 -19.87 -8.82
N ALA D 146 -13.53 -19.16 -9.93
CA ALA D 146 -12.55 -19.18 -11.02
C ALA D 146 -11.42 -18.19 -10.71
N SER D 147 -11.79 -17.06 -10.12
CA SER D 147 -10.85 -15.99 -9.80
C SER D 147 -10.97 -15.60 -8.33
N GLY D 148 -9.91 -15.03 -7.78
CA GLY D 148 -9.93 -14.60 -6.40
C GLY D 148 -8.81 -13.65 -6.02
N VAL D 149 -9.00 -12.94 -4.91
CA VAL D 149 -8.00 -12.05 -4.35
C VAL D 149 -7.82 -12.34 -2.86
N VAL D 150 -6.57 -12.33 -2.41
CA VAL D 150 -6.24 -12.38 -0.98
C VAL D 150 -5.26 -11.26 -0.71
N GLN D 151 -5.44 -10.55 0.39
CA GLN D 151 -4.48 -9.53 0.79
C GLN D 151 -4.01 -9.76 2.22
N LEU D 152 -2.70 -9.72 2.40
CA LEU D 152 -2.10 -9.71 3.72
C LEU D 152 -1.55 -8.32 3.96
N ARG D 153 -1.91 -7.73 5.09
CA ARG D 153 -1.33 -6.46 5.51
C ARG D 153 -0.86 -6.59 6.94
N SER D 154 0.22 -5.90 7.24
CA SER D 154 0.76 -5.84 8.59
C SER D 154 1.21 -4.41 8.81
N SER D 155 0.33 -3.61 9.42
CA SER D 155 0.59 -2.18 9.58
C SER D 155 0.85 -1.81 11.03
N VAL D 156 1.91 -1.05 11.25
CA VAL D 156 2.14 -0.44 12.55
C VAL D 156 1.32 0.83 12.61
N MET D 157 0.44 0.90 13.60
CA MET D 157 -0.39 2.06 13.82
C MET D 157 0.14 2.80 15.03
N SER D 158 -0.70 3.56 15.73
CA SER D 158 -0.20 4.40 16.81
C SER D 158 -0.18 3.63 18.13
N GLY D 159 0.68 4.06 19.04
CA GLY D 159 0.84 3.39 20.33
C GLY D 159 1.40 1.99 20.19
N GLU D 160 2.18 1.77 19.13
CA GLU D 160 2.78 0.46 18.85
C GLU D 160 1.75 -0.65 18.65
N GLN D 161 0.53 -0.27 18.29
CA GLN D 161 -0.47 -1.25 17.89
C GLN D 161 -0.18 -1.72 16.47
N LEU D 162 -0.01 -3.02 16.31
CA LEU D 162 0.18 -3.63 15.00
C LEU D 162 -1.12 -4.25 14.57
N ARG D 163 -1.65 -3.83 13.44
CA ARG D 163 -2.83 -4.46 12.87
C ARG D 163 -2.40 -5.38 11.76
N VAL D 164 -2.76 -6.65 11.88
CA VAL D 164 -2.49 -7.64 10.85
C VAL D 164 -3.82 -8.04 10.25
N THR D 165 -3.90 -7.99 8.93
CA THR D 165 -5.15 -8.26 8.23
C THR D 165 -4.94 -9.29 7.14
N VAL D 166 -5.89 -10.21 7.04
CA VAL D 166 -5.98 -11.12 5.93
C VAL D 166 -7.41 -11.04 5.42
N GLU D 167 -7.57 -10.49 4.22
CA GLU D 167 -8.89 -10.39 3.61
C GLU D 167 -8.92 -11.17 2.31
N ASP D 168 -10.08 -11.76 2.00
CA ASP D 168 -10.30 -12.39 0.71
C ASP D 168 -11.66 -11.94 0.16
N ASP D 169 -11.89 -12.19 -1.12
CA ASP D 169 -13.15 -11.83 -1.76
C ASP D 169 -13.96 -13.07 -2.13
N GLY D 170 -13.64 -14.19 -1.47
CA GLY D 170 -14.15 -15.48 -1.89
C GLY D 170 -15.48 -15.90 -1.27
N ARG D 171 -15.58 -17.21 -1.05
CA ARG D 171 -16.81 -17.87 -0.66
C ARG D 171 -17.40 -17.33 0.65
N GLY D 172 -16.53 -17.08 1.62
CA GLY D 172 -16.96 -16.70 2.96
C GLY D 172 -16.95 -17.90 3.88
N ILE D 173 -16.79 -17.65 5.18
CA ILE D 173 -16.88 -18.73 6.16
C ILE D 173 -18.37 -19.08 6.31
N PRO D 174 -18.69 -20.38 6.34
CA PRO D 174 -20.10 -20.78 6.49
C PRO D 174 -20.72 -20.22 7.76
N GLU D 175 -21.96 -19.73 7.68
CA GLU D 175 -22.64 -19.15 8.84
C GLU D 175 -22.73 -20.11 10.02
N ASP D 176 -22.91 -21.39 9.74
CA ASP D 176 -22.98 -22.39 10.79
C ASP D 176 -21.62 -22.66 11.44
N CYS D 177 -20.58 -21.95 10.96
CA CYS D 177 -19.26 -22.04 11.56
C CYS D 177 -18.84 -20.70 12.17
N ASP D 178 -18.81 -20.65 13.50
CA ASP D 178 -18.39 -19.46 14.21
C ASP D 178 -16.89 -19.50 14.48
N TRP D 179 -16.11 -19.37 13.42
CA TRP D 179 -14.65 -19.41 13.51
C TRP D 179 -14.16 -18.13 14.19
N PRO D 180 -13.11 -18.22 15.02
CA PRO D 180 -12.30 -19.38 15.42
C PRO D 180 -12.77 -20.06 16.71
N ASN D 181 -13.95 -19.72 17.23
CA ASN D 181 -14.50 -20.44 18.36
C ASN D 181 -14.80 -21.88 17.97
N GLU D 182 -15.34 -22.03 16.77
CA GLU D 182 -15.63 -23.35 16.21
C GLU D 182 -14.71 -23.60 15.02
N GLY D 183 -14.38 -24.85 14.79
CA GLY D 183 -13.50 -25.23 13.70
C GLY D 183 -12.65 -26.42 14.08
N ASN D 184 -11.53 -26.58 13.40
CA ASN D 184 -10.63 -27.69 13.65
C ASN D 184 -9.35 -27.20 14.33
N LEU D 185 -8.26 -27.95 14.16
CA LEU D 185 -7.01 -27.64 14.87
C LEU D 185 -6.55 -26.21 14.62
N GLY D 186 -6.73 -25.72 13.40
CA GLY D 186 -6.32 -24.38 13.03
C GLY D 186 -6.91 -23.32 13.94
N SER D 187 -8.19 -23.46 14.26
CA SER D 187 -8.90 -22.47 15.06
C SER D 187 -8.44 -22.47 16.51
N ARG D 188 -8.07 -23.63 17.04
CA ARG D 188 -7.55 -23.72 18.40
C ARG D 188 -6.22 -23.01 18.46
N ILE D 189 -5.40 -23.25 17.43
CA ILE D 189 -4.09 -22.62 17.34
C ILE D 189 -4.29 -21.11 17.36
N VAL D 190 -5.17 -20.63 16.50
CA VAL D 190 -5.43 -19.20 16.36
C VAL D 190 -5.86 -18.60 17.69
N ARG D 191 -6.86 -19.20 18.34
CA ARG D 191 -7.39 -18.64 19.57
C ARG D 191 -6.32 -18.56 20.65
N GLN D 192 -5.46 -19.57 20.72
CA GLN D 192 -4.41 -19.59 21.73
C GLN D 192 -3.34 -18.54 21.44
N LEU D 193 -2.97 -18.40 20.16
CA LEU D 193 -1.92 -17.46 19.80
C LEU D 193 -2.38 -16.02 20.02
N VAL D 194 -3.64 -15.76 19.67
CA VAL D 194 -4.24 -14.45 19.93
C VAL D 194 -4.14 -14.13 21.42
N GLN D 195 -4.41 -15.13 22.26
CA GLN D 195 -4.36 -14.95 23.70
C GLN D 195 -2.93 -14.63 24.15
N GLY D 196 -1.97 -15.41 23.66
CA GLY D 196 -0.58 -15.21 24.00
C GLY D 196 0.01 -13.88 23.53
N LEU D 197 -0.60 -13.28 22.51
CA LEU D 197 -0.15 -11.99 22.01
C LEU D 197 -0.78 -10.83 22.76
N GLY D 198 -1.82 -11.13 23.55
CA GLY D 198 -2.59 -10.10 24.22
C GLY D 198 -3.42 -9.35 23.20
N ALA D 199 -3.75 -10.02 22.11
CA ALA D 199 -4.36 -9.38 20.95
C ALA D 199 -5.89 -9.48 20.92
N GLU D 200 -6.48 -8.85 19.91
CA GLU D 200 -7.90 -8.92 19.65
C GLU D 200 -8.12 -9.35 18.21
N LEU D 201 -8.96 -10.37 18.01
CA LEU D 201 -9.28 -10.85 16.68
C LEU D 201 -10.73 -10.56 16.31
N ASN D 202 -10.94 -10.10 15.08
CA ASN D 202 -12.29 -9.91 14.55
C ASN D 202 -12.40 -10.59 13.20
N VAL D 203 -13.62 -11.01 12.87
CA VAL D 203 -13.90 -11.69 11.62
C VAL D 203 -15.23 -11.21 11.08
N THR D 204 -15.29 -10.95 9.79
CA THR D 204 -16.55 -10.66 9.13
C THR D 204 -16.62 -11.53 7.87
N ARG D 205 -17.81 -12.08 7.61
CA ARG D 205 -17.97 -13.08 6.56
C ARG D 205 -19.12 -12.75 5.62
N GLY D 206 -19.36 -13.63 4.66
CA GLY D 206 -20.36 -13.41 3.63
C GLY D 206 -19.85 -13.85 2.26
N GLY D 207 -20.70 -13.75 1.24
CA GLY D 207 -20.35 -14.17 -0.10
C GLY D 207 -19.37 -13.23 -0.78
N THR D 208 -19.19 -12.06 -0.20
CA THR D 208 -18.22 -11.10 -0.70
C THR D 208 -16.84 -11.36 -0.09
N GLY D 209 -16.74 -12.33 0.81
CA GLY D 209 -15.46 -12.80 1.31
C GLY D 209 -15.31 -12.84 2.82
N THR D 210 -14.11 -13.19 3.28
CA THR D 210 -13.78 -13.25 4.70
C THR D 210 -12.67 -12.25 5.04
N ILE D 211 -12.90 -11.45 6.08
CA ILE D 211 -11.92 -10.47 6.53
C ILE D 211 -11.56 -10.69 7.99
N VAL D 212 -10.29 -11.05 8.23
CA VAL D 212 -9.78 -11.25 9.58
C VAL D 212 -8.83 -10.12 9.94
N ASN D 213 -9.11 -9.42 11.03
CA ASN D 213 -8.21 -8.40 11.57
C ASN D 213 -7.76 -8.77 12.97
N ILE D 214 -6.44 -8.73 13.19
CA ILE D 214 -5.88 -8.97 14.51
C ILE D 214 -5.10 -7.73 14.95
N ASP D 215 -5.50 -7.16 16.09
CA ASP D 215 -4.83 -5.99 16.65
C ASP D 215 -3.91 -6.42 17.79
N ILE D 216 -2.63 -6.10 17.66
CA ILE D 216 -1.58 -6.63 18.53
C ILE D 216 -0.81 -5.52 19.22
N PRO D 217 -0.75 -5.54 20.56
CA PRO D 217 0.01 -4.50 21.26
C PRO D 217 1.50 -4.83 21.40
N LEU D 218 2.32 -4.26 20.51
CA LEU D 218 3.74 -4.56 20.49
C LEU D 218 4.46 -3.96 21.71
N SER D 219 3.81 -3.01 22.38
CA SER D 219 4.39 -2.39 23.56
C SER D 219 4.20 -3.26 24.81
N GLN D 220 3.25 -4.20 24.74
CA GLN D 220 2.95 -5.08 25.87
C GLN D 220 3.76 -6.38 25.84
N GLN D 221 4.50 -6.62 24.77
CA GLN D 221 5.15 -7.92 24.56
C GLN D 221 6.22 -8.23 25.61
N LYS D 222 7.00 -7.22 26.01
CA LYS D 222 8.04 -7.43 27.01
C LYS D 222 7.42 -7.90 28.32
N THR D 223 6.29 -7.31 28.68
CA THR D 223 5.61 -7.66 29.91
C THR D 223 4.98 -9.04 29.81
N LEU D 224 4.35 -9.34 28.68
CA LEU D 224 3.74 -10.65 28.46
C LEU D 224 4.80 -11.74 28.52
N ILE D 225 5.89 -11.55 27.80
CA ILE D 225 6.97 -12.54 27.73
C ILE D 225 7.60 -12.78 29.09
N ALA D 226 7.71 -11.71 29.90
CA ALA D 226 8.36 -11.80 31.20
C ALA D 226 7.47 -12.49 32.23
N ASP D 227 6.17 -12.20 32.18
CA ASP D 227 5.21 -12.81 33.11
C ASP D 227 4.90 -14.27 32.75
N GLU D 228 5.74 -14.87 31.92
CA GLU D 228 5.56 -16.27 31.55
C GLU D 228 6.50 -17.19 32.34
N ARG D 229 6.04 -18.43 32.54
CA ARG D 229 6.76 -19.39 33.37
C ARG D 229 7.97 -19.96 32.64
#